data_3T8V
#
_entry.id   3T8V
#
_cell.length_a   75.542
_cell.length_b   108.821
_cell.length_c   118.274
_cell.angle_alpha   90.00
_cell.angle_beta   90.00
_cell.angle_gamma   90.00
#
_symmetry.space_group_name_H-M   'P 21 21 21'
#
loop_
_entity.id
_entity.type
_entity.pdbx_description
1 polymer 'M1 family aminopeptidase'
2 non-polymer 'ZINC ION'
3 non-polymer 'MAGNESIUM ION'
4 non-polymer N-[(2-{2-[(N-{(2S,3R)-3-amino-4-[4-(benzyloxy)phenyl]-2-hydroxybutanoyl}-L-alanyl)amino]ethoxy}ethoxy)acetyl]-4-benzoyl-L-phenylalanyl-N~6~-hex-5-ynoyllysinamide
5 water water
#
_entity_poly.entity_id   1
_entity_poly.type   'polypeptide(L)'
_entity_poly.pdbx_seq_one_letter_code
;PKIHYRKDYKPSGFIINQVTLNINIHDQETIVRSVLDMDISKHNVGEDLVFDGVGLKINEISINNKKLVEGEEYTYDNEF
LTIFSKFVPKSKFAFSSEVIIHPETNYALTGLYKSKNIIVSQCEATGFRRITFFIDRPDMMAKYDVTVTADKEKYPVLLS
NGDKVNEFEIPGGRHGARFNDPPLKPCYLFAVVAGDLKHLSATYITKYTKKKVELYVFSEEKYVSKLQWALECLKKSMAF
DEDYFGLEYDLSRLNLVAVSDFNVGAMENKGLNIFNANSLLASKKNSIDFSYARILTVVGHEYFHQYTGNRVTLRDWFQL
TLKEGLTVHRENLFSEEMTKTVTTRLSHVDLLRSVQFLEDSSPLSHPIRPESYVSMANFYTTTVYDKGSEVMRMYLTILG
EEYYKKGFDIYIKKNDGNTATCEDFNYAMEQAYKMKKADNSANLNQYLLWFSQSGTPHVSFKYNYDAEKKQYSIHVNQYT
KPDENQKEKKPLFIPISVGLINPENGKEMISQTTLELTKESDTFVFNNIAVKPIPSLFRGFSAPVYIEDQLTDEERILLL
KYDSDAFVRYNSCTNIYMKQILMNYNEFLKAKNEKLESFQLTPVNAQFIDAIKYLLEDPHADAGFKSYIVSLPQDRYIIN
FVSNLDTDVLADTKEYIYKQIGDKLNDVYYKMFKSLEAKADDLTYFNDESHVDFDQMNMRTLRNTLLSLLSKAQYPNILN
EIIEHSKSPYPSNWLTSLSVSAYFDKYFELYDKTYKLSKDDELLLQEWLKTVSRSDRKDIYEILKKLENEVLKDSKNPND
IRAVYLPFTNNLRRFHDISGKGYKLIAEVITKTDKFNPMVATQLCEPFKLWNKLDTKRQELMLNEMNTMLQEPQISNNLK
EYLLRLTNKHHHHHH
;
_entity_poly.pdbx_strand_id   A
#
loop_
_chem_comp.id
_chem_comp.type
_chem_comp.name
_chem_comp.formula
BTJ non-polymer N-[(2-{2-[(N-{(2S,3R)-3-amino-4-[4-(benzyloxy)phenyl]-2-hydroxybutanoyl}-L-alanyl)amino]ethoxy}ethoxy)acetyl]-4-benzoyl-L-phenylalanyl-N~6~-hex-5-ynoyllysinamide 'C54 H67 N7 O11'
MG non-polymer 'MAGNESIUM ION' 'Mg 2'
ZN non-polymer 'ZINC ION' 'Zn 2'
#
# COMPACT_ATOMS: atom_id res chain seq x y z
N PRO A 1 10.34 9.86 26.49
CA PRO A 1 10.06 9.15 25.24
C PRO A 1 9.61 7.70 25.52
N LYS A 2 8.28 7.48 25.56
CA LYS A 2 7.74 6.17 25.91
C LYS A 2 7.84 5.10 24.83
N ILE A 3 8.35 3.92 25.22
CA ILE A 3 8.51 2.78 24.32
C ILE A 3 7.54 1.71 24.80
N HIS A 4 6.65 1.26 23.91
CA HIS A 4 5.66 0.23 24.21
C HIS A 4 6.23 -1.11 23.72
N TYR A 5 6.20 -2.14 24.58
CA TYR A 5 6.71 -3.46 24.25
C TYR A 5 5.61 -4.47 24.08
N ARG A 6 5.73 -5.35 23.05
CA ARG A 6 4.74 -6.38 22.75
C ARG A 6 4.54 -7.33 23.93
N LYS A 7 5.65 -7.76 24.57
CA LYS A 7 5.60 -8.67 25.72
C LYS A 7 4.95 -8.05 26.98
N ASP A 8 4.73 -6.73 26.98
CA ASP A 8 4.13 -6.03 28.13
C ASP A 8 2.60 -5.98 28.10
N TYR A 9 1.95 -6.59 27.08
CA TYR A 9 0.48 -6.52 26.98
C TYR A 9 -0.22 -6.98 28.26
N LYS A 10 -1.10 -6.13 28.78
CA LYS A 10 -1.90 -6.50 29.93
C LYS A 10 -3.29 -5.91 29.75
N PRO A 11 -4.38 -6.66 30.02
CA PRO A 11 -5.72 -6.06 29.89
C PRO A 11 -5.88 -4.90 30.87
N SER A 12 -6.73 -3.92 30.52
CA SER A 12 -7.01 -2.74 31.34
C SER A 12 -7.70 -3.11 32.65
N GLY A 13 -7.49 -2.29 33.69
CA GLY A 13 -8.18 -2.42 34.97
C GLY A 13 -9.59 -1.83 34.91
N PHE A 14 -10.00 -1.36 33.71
CA PHE A 14 -11.32 -0.76 33.52
C PHE A 14 -12.03 -1.38 32.34
N ILE A 15 -13.36 -1.17 32.28
CA ILE A 15 -14.21 -1.62 31.21
C ILE A 15 -15.05 -0.43 30.77
N ILE A 16 -15.24 -0.26 29.46
CA ILE A 16 -16.15 0.77 28.93
C ILE A 16 -17.25 -0.02 28.20
N ASN A 17 -18.46 -0.03 28.76
CA ASN A 17 -19.58 -0.80 28.21
C ASN A 17 -20.37 -0.03 27.16
N GLN A 18 -20.63 1.26 27.43
CA GLN A 18 -21.44 2.09 26.53
C GLN A 18 -20.82 3.49 26.39
N VAL A 19 -20.87 4.01 25.16
CA VAL A 19 -20.44 5.37 24.79
C VAL A 19 -21.69 6.09 24.31
N THR A 20 -22.01 7.24 24.91
CA THR A 20 -23.12 8.07 24.45
C THR A 20 -22.56 9.42 24.12
N LEU A 21 -22.48 9.73 22.82
CA LEU A 21 -21.90 10.97 22.30
C LEU A 21 -22.93 11.94 21.77
N ASN A 22 -22.66 13.23 21.96
CA ASN A 22 -23.39 14.35 21.42
C ASN A 22 -22.33 15.28 20.84
N ILE A 23 -22.25 15.31 19.51
CA ILE A 23 -21.30 16.11 18.75
C ILE A 23 -22.04 17.27 18.12
N ASN A 24 -21.79 18.47 18.66
CA ASN A 24 -22.46 19.71 18.25
C ASN A 24 -21.50 20.57 17.43
N ILE A 25 -21.67 20.53 16.10
CA ILE A 25 -20.81 21.25 15.16
C ILE A 25 -21.28 22.69 15.04
N HIS A 26 -20.39 23.64 15.37
CA HIS A 26 -20.68 25.08 15.24
C HIS A 26 -19.65 25.74 14.32
N ASP A 27 -19.90 26.98 13.93
CA ASP A 27 -19.05 27.73 13.00
C ASP A 27 -17.56 27.80 13.38
N GLN A 28 -17.24 28.11 14.64
CA GLN A 28 -15.85 28.27 15.08
C GLN A 28 -15.33 27.21 16.04
N GLU A 29 -16.18 26.20 16.40
CA GLU A 29 -15.79 25.14 17.34
C GLU A 29 -16.81 24.01 17.31
N THR A 30 -16.40 22.83 17.75
CA THR A 30 -17.29 21.69 17.89
C THR A 30 -17.27 21.30 19.35
N ILE A 31 -18.46 21.16 19.93
CA ILE A 31 -18.62 20.78 21.33
C ILE A 31 -18.92 19.28 21.38
N VAL A 32 -18.14 18.52 22.17
CA VAL A 32 -18.35 17.07 22.27
C VAL A 32 -18.69 16.71 23.70
N ARG A 33 -19.92 16.20 23.89
CA ARG A 33 -20.41 15.74 25.20
C ARG A 33 -20.39 14.21 25.09
N SER A 34 -19.87 13.54 26.12
CA SER A 34 -19.73 12.09 26.14
C SER A 34 -19.98 11.48 27.51
N VAL A 35 -20.86 10.46 27.56
CA VAL A 35 -21.11 9.70 28.77
C VAL A 35 -20.55 8.30 28.53
N LEU A 36 -19.62 7.86 29.39
CA LEU A 36 -19.04 6.51 29.32
C LEU A 36 -19.59 5.69 30.49
N ASP A 37 -20.31 4.60 30.20
CA ASP A 37 -20.84 3.70 31.23
C ASP A 37 -19.75 2.70 31.45
N MET A 38 -19.12 2.80 32.62
CA MET A 38 -17.91 2.04 32.91
C MET A 38 -18.01 1.07 34.06
N ASP A 39 -17.02 0.19 34.15
CA ASP A 39 -16.92 -0.79 35.23
C ASP A 39 -15.45 -1.00 35.59
N ILE A 40 -15.22 -1.71 36.68
CA ILE A 40 -13.90 -2.08 37.17
C ILE A 40 -13.68 -3.55 36.69
N SER A 41 -12.56 -3.83 36.02
CA SER A 41 -12.26 -5.20 35.53
C SER A 41 -11.58 -6.07 36.61
N LYS A 42 -11.47 -7.40 36.36
CA LYS A 42 -10.82 -8.34 37.30
C LYS A 42 -9.30 -8.05 37.45
N HIS A 43 -8.72 -7.30 36.50
CA HIS A 43 -7.30 -6.95 36.44
C HIS A 43 -6.98 -5.67 37.21
N ASN A 44 -8.02 -5.00 37.76
CA ASN A 44 -7.85 -3.75 38.50
C ASN A 44 -7.06 -3.97 39.78
N VAL A 45 -6.08 -3.09 40.03
CA VAL A 45 -5.22 -3.11 41.23
C VAL A 45 -5.29 -1.78 41.99
N GLY A 46 -6.42 -1.09 41.85
CA GLY A 46 -6.69 0.19 42.52
C GLY A 46 -5.93 1.35 41.93
N GLU A 47 -5.56 1.27 40.64
CA GLU A 47 -4.83 2.34 39.94
C GLU A 47 -5.70 3.56 39.69
N ASP A 48 -5.05 4.70 39.36
CA ASP A 48 -5.69 5.92 38.92
C ASP A 48 -6.43 5.61 37.62
N LEU A 49 -7.50 6.35 37.33
CA LEU A 49 -8.22 6.19 36.07
C LEU A 49 -7.56 7.17 35.11
N VAL A 50 -6.89 6.63 34.08
CA VAL A 50 -6.17 7.43 33.09
C VAL A 50 -6.83 7.30 31.72
N PHE A 51 -7.26 8.44 31.17
CA PHE A 51 -7.85 8.49 29.84
C PHE A 51 -6.90 9.16 28.89
N ASP A 52 -6.88 8.69 27.64
CA ASP A 52 -6.18 9.36 26.56
C ASP A 52 -7.08 10.52 26.17
N GLY A 53 -6.48 11.67 25.88
CA GLY A 53 -7.22 12.86 25.48
C GLY A 53 -6.20 13.87 24.98
N VAL A 54 -6.11 14.04 23.65
CA VAL A 54 -5.08 14.90 23.04
C VAL A 54 -5.69 16.18 22.49
N GLY A 55 -5.18 17.32 22.95
CA GLY A 55 -5.61 18.65 22.48
C GLY A 55 -7.05 19.02 22.76
N LEU A 56 -7.62 18.48 23.84
CA LEU A 56 -9.00 18.72 24.22
C LEU A 56 -9.07 19.92 25.15
N LYS A 57 -10.08 20.76 24.96
CA LYS A 57 -10.32 21.91 25.86
C LYS A 57 -11.45 21.46 26.80
N ILE A 58 -11.12 21.22 28.08
CA ILE A 58 -12.13 20.76 29.05
C ILE A 58 -13.08 21.89 29.49
N ASN A 59 -14.39 21.67 29.29
CA ASN A 59 -15.40 22.60 29.86
C ASN A 59 -15.74 22.07 31.24
N GLU A 60 -16.02 20.75 31.32
CA GLU A 60 -16.29 20.07 32.60
C GLU A 60 -16.19 18.56 32.50
N ILE A 61 -15.84 17.92 33.61
CA ILE A 61 -15.77 16.46 33.76
C ILE A 61 -16.51 16.06 35.02
N SER A 62 -17.17 14.90 34.99
CA SER A 62 -17.98 14.41 36.09
C SER A 62 -17.91 12.89 36.18
N ILE A 63 -18.16 12.39 37.40
CA ILE A 63 -18.31 10.97 37.72
C ILE A 63 -19.66 10.88 38.43
N ASN A 64 -20.59 10.07 37.90
CA ASN A 64 -21.94 9.91 38.46
C ASN A 64 -22.67 11.24 38.65
N ASN A 65 -22.55 12.14 37.64
CA ASN A 65 -23.18 13.47 37.64
C ASN A 65 -22.65 14.44 38.71
N LYS A 66 -21.50 14.12 39.33
CA LYS A 66 -20.86 15.00 40.30
C LYS A 66 -19.63 15.58 39.57
N LYS A 67 -19.59 16.92 39.43
CA LYS A 67 -18.53 17.64 38.73
C LYS A 67 -17.20 17.44 39.45
N LEU A 68 -16.13 17.10 38.71
CA LEU A 68 -14.81 16.90 39.31
C LEU A 68 -14.01 18.19 39.37
N VAL A 69 -13.20 18.34 40.41
CA VAL A 69 -12.42 19.56 40.64
C VAL A 69 -11.00 19.39 40.16
N GLU A 70 -10.56 20.29 39.26
CA GLU A 70 -9.21 20.28 38.70
C GLU A 70 -8.13 20.51 39.76
N GLY A 71 -7.08 19.69 39.73
CA GLY A 71 -5.96 19.77 40.66
C GLY A 71 -6.08 18.85 41.86
N GLU A 72 -7.25 18.87 42.50
CA GLU A 72 -7.52 18.05 43.69
C GLU A 72 -7.98 16.63 43.32
N GLU A 73 -8.86 16.49 42.30
CA GLU A 73 -9.45 15.21 41.88
C GLU A 73 -8.96 14.69 40.52
N TYR A 74 -8.46 15.61 39.65
CA TYR A 74 -7.92 15.23 38.33
C TYR A 74 -6.88 16.21 37.85
N THR A 75 -5.97 15.72 36.99
CA THR A 75 -4.98 16.55 36.30
C THR A 75 -5.14 16.24 34.80
N TYR A 76 -4.90 17.24 33.96
CA TYR A 76 -4.90 17.09 32.51
C TYR A 76 -3.71 17.85 31.94
N ASP A 77 -2.87 17.16 31.17
CA ASP A 77 -1.62 17.71 30.60
C ASP A 77 -1.66 17.81 29.06
N ASN A 78 -2.90 17.81 28.47
CA ASN A 78 -3.12 17.86 27.02
C ASN A 78 -2.83 16.53 26.29
N GLU A 79 -2.61 15.45 27.05
CA GLU A 79 -2.34 14.11 26.52
C GLU A 79 -3.08 13.03 27.31
N PHE A 80 -3.01 13.12 28.64
CA PHE A 80 -3.60 12.17 29.59
C PHE A 80 -4.39 12.89 30.67
N LEU A 81 -5.63 12.44 30.90
CA LEU A 81 -6.53 12.89 31.95
C LEU A 81 -6.38 11.83 33.04
N THR A 82 -5.85 12.23 34.22
CA THR A 82 -5.64 11.33 35.34
C THR A 82 -6.64 11.65 36.44
N ILE A 83 -7.50 10.69 36.79
CA ILE A 83 -8.45 10.84 37.90
C ILE A 83 -7.87 9.99 39.02
N PHE A 84 -7.48 10.66 40.12
CA PHE A 84 -6.86 9.99 41.26
C PHE A 84 -7.75 8.87 41.79
N SER A 85 -7.16 7.69 41.99
CA SER A 85 -7.86 6.46 42.41
C SER A 85 -8.88 6.62 43.53
N LYS A 86 -8.57 7.43 44.56
CA LYS A 86 -9.49 7.67 45.68
C LYS A 86 -10.86 8.26 45.24
N PHE A 87 -10.90 8.89 44.05
CA PHE A 87 -12.11 9.50 43.50
C PHE A 87 -12.83 8.61 42.49
N VAL A 88 -12.24 7.44 42.19
CA VAL A 88 -12.79 6.49 41.22
C VAL A 88 -13.69 5.47 41.96
N PRO A 89 -14.95 5.25 41.51
CA PRO A 89 -15.82 4.25 42.17
C PRO A 89 -15.32 2.80 42.05
N LYS A 90 -15.84 1.91 42.91
CA LYS A 90 -15.43 0.49 42.98
C LYS A 90 -16.39 -0.46 42.25
N SER A 91 -17.49 0.08 41.72
CA SER A 91 -18.51 -0.67 40.97
C SER A 91 -18.89 0.11 39.69
N LYS A 92 -19.92 -0.34 38.93
CA LYS A 92 -20.38 0.32 37.71
C LYS A 92 -20.61 1.81 37.95
N PHE A 93 -20.05 2.66 37.08
CA PHE A 93 -20.16 4.11 37.24
C PHE A 93 -20.26 4.81 35.89
N ALA A 94 -20.72 6.08 35.89
CA ALA A 94 -20.78 6.87 34.67
C ALA A 94 -19.71 7.96 34.68
N PHE A 95 -18.86 8.01 33.64
CA PHE A 95 -17.89 9.11 33.51
C PHE A 95 -18.44 10.02 32.41
N SER A 96 -18.52 11.33 32.68
CA SER A 96 -19.01 12.24 31.63
C SER A 96 -18.07 13.42 31.46
N SER A 97 -18.03 13.96 30.26
CA SER A 97 -17.18 15.11 29.95
C SER A 97 -17.79 15.96 28.85
N GLU A 98 -17.41 17.23 28.83
CA GLU A 98 -17.77 18.14 27.76
C GLU A 98 -16.49 18.86 27.36
N VAL A 99 -16.09 18.65 26.10
CA VAL A 99 -14.87 19.22 25.56
C VAL A 99 -15.14 20.01 24.30
N ILE A 100 -14.21 20.91 23.96
CA ILE A 100 -14.27 21.72 22.74
C ILE A 100 -13.06 21.36 21.87
N ILE A 101 -13.33 21.10 20.61
CA ILE A 101 -12.36 20.77 19.58
C ILE A 101 -12.59 21.72 18.39
N HIS A 102 -11.66 21.76 17.46
CA HIS A 102 -11.73 22.73 16.35
C HIS A 102 -11.41 22.06 14.98
N PRO A 103 -12.38 21.32 14.38
CA PRO A 103 -12.09 20.64 13.10
C PRO A 103 -11.57 21.54 11.97
N GLU A 104 -12.00 22.82 11.93
CA GLU A 104 -11.63 23.79 10.90
C GLU A 104 -10.12 23.98 10.79
N THR A 105 -9.42 23.97 11.94
CA THR A 105 -7.96 24.15 11.97
C THR A 105 -7.17 22.85 12.18
N ASN A 106 -7.89 21.70 12.10
CA ASN A 106 -7.22 20.41 12.24
C ASN A 106 -6.62 19.99 10.89
N TYR A 107 -5.40 20.46 10.59
CA TYR A 107 -4.72 20.14 9.31
C TYR A 107 -3.94 18.83 9.32
N ALA A 108 -3.84 18.19 10.50
CA ALA A 108 -3.16 16.90 10.70
C ALA A 108 -4.02 15.74 10.16
N LEU A 109 -5.35 15.99 9.93
CA LEU A 109 -6.29 15.01 9.34
C LEU A 109 -6.44 13.71 10.15
N THR A 110 -6.43 13.88 11.47
CA THR A 110 -6.61 12.82 12.46
C THR A 110 -7.54 13.39 13.53
N GLY A 111 -8.49 12.58 13.98
CA GLY A 111 -9.49 13.06 14.94
C GLY A 111 -10.67 13.58 14.12
N LEU A 112 -11.26 14.72 14.51
CA LEU A 112 -12.35 15.32 13.73
C LEU A 112 -11.81 16.49 12.94
N TYR A 113 -12.03 16.50 11.61
CA TYR A 113 -11.46 17.59 10.83
C TYR A 113 -12.35 18.04 9.68
N LYS A 114 -12.01 19.16 9.07
CA LYS A 114 -12.75 19.68 7.93
C LYS A 114 -11.94 19.46 6.64
N SER A 115 -12.56 18.86 5.63
CA SER A 115 -11.90 18.63 4.33
C SER A 115 -12.82 19.35 3.36
N LYS A 116 -12.37 20.54 2.90
CA LYS A 116 -13.15 21.43 2.05
C LYS A 116 -14.42 21.81 2.85
N ASN A 117 -15.62 21.38 2.42
CA ASN A 117 -16.86 21.69 3.16
C ASN A 117 -17.45 20.46 3.86
N ILE A 118 -16.64 19.39 4.05
CA ILE A 118 -17.09 18.19 4.74
C ILE A 118 -16.38 18.05 6.08
N ILE A 119 -17.15 17.79 7.16
CA ILE A 119 -16.60 17.48 8.49
C ILE A 119 -16.48 15.96 8.49
N VAL A 120 -15.31 15.43 8.83
CA VAL A 120 -15.08 13.99 8.77
C VAL A 120 -14.13 13.57 9.90
N SER A 121 -14.25 12.34 10.37
CA SER A 121 -13.35 11.83 11.38
C SER A 121 -12.34 10.86 10.76
N GLN A 122 -11.22 10.66 11.46
CA GLN A 122 -10.23 9.64 11.16
C GLN A 122 -9.69 9.21 12.52
N CYS A 123 -10.11 8.01 12.98
CA CYS A 123 -9.72 7.51 14.30
C CYS A 123 -8.60 6.51 14.36
N GLU A 124 -8.42 5.70 13.31
CA GLU A 124 -7.28 4.77 13.34
C GLU A 124 -5.99 5.59 13.16
N ALA A 125 -4.96 5.33 13.98
CA ALA A 125 -4.94 4.37 15.09
C ALA A 125 -5.29 5.04 16.42
N THR A 126 -4.80 6.26 16.64
CA THR A 126 -4.97 6.97 17.91
C THR A 126 -5.69 8.32 17.75
N GLY A 127 -6.61 8.39 16.80
CA GLY A 127 -7.37 9.60 16.53
C GLY A 127 -8.61 9.79 17.40
N PHE A 128 -9.21 8.71 17.99
CA PHE A 128 -10.43 8.88 18.81
C PHE A 128 -10.16 9.80 20.03
N ARG A 129 -8.97 9.67 20.64
CA ARG A 129 -8.57 10.51 21.79
C ARG A 129 -8.49 12.03 21.46
N ARG A 130 -8.50 12.37 20.15
CA ARG A 130 -8.50 13.75 19.67
C ARG A 130 -9.93 14.29 19.56
N ILE A 131 -10.94 13.40 19.79
CA ILE A 131 -12.37 13.77 19.74
C ILE A 131 -12.92 13.91 21.16
N THR A 132 -12.66 12.89 22.00
CA THR A 132 -13.08 12.86 23.40
C THR A 132 -12.17 11.95 24.23
N PHE A 133 -12.34 11.98 25.57
CA PHE A 133 -11.55 11.09 26.43
C PHE A 133 -11.92 9.64 26.24
N PHE A 134 -10.91 8.77 26.25
CA PHE A 134 -11.15 7.33 26.12
C PHE A 134 -9.91 6.54 26.53
N ILE A 135 -10.08 5.26 26.81
CA ILE A 135 -8.97 4.33 27.02
C ILE A 135 -8.79 3.82 25.56
N ASP A 136 -8.07 4.64 24.77
CA ASP A 136 -7.92 4.53 23.32
C ASP A 136 -6.98 3.44 22.86
N ARG A 137 -7.49 2.22 22.93
CA ARG A 137 -6.80 0.98 22.57
C ARG A 137 -7.85 -0.01 22.05
N PRO A 138 -7.49 -0.84 21.04
CA PRO A 138 -8.50 -1.69 20.37
C PRO A 138 -9.16 -2.79 21.16
N ASP A 139 -8.62 -3.17 22.34
CA ASP A 139 -9.25 -4.20 23.19
C ASP A 139 -10.37 -3.63 24.07
N MET A 140 -10.60 -2.29 24.05
CA MET A 140 -11.66 -1.65 24.84
C MET A 140 -12.94 -1.61 24.01
N MET A 141 -13.67 -2.74 23.97
CA MET A 141 -14.88 -2.93 23.18
C MET A 141 -16.08 -2.31 23.85
N ALA A 142 -16.88 -1.51 23.10
CA ALA A 142 -18.04 -0.82 23.64
C ALA A 142 -19.16 -0.65 22.60
N LYS A 143 -20.38 -0.39 23.10
CA LYS A 143 -21.56 -0.07 22.30
C LYS A 143 -21.57 1.46 22.13
N TYR A 144 -22.06 1.95 21.01
CA TYR A 144 -22.07 3.39 20.70
C TYR A 144 -23.44 3.91 20.34
N ASP A 145 -23.83 5.04 20.95
CA ASP A 145 -25.07 5.76 20.70
C ASP A 145 -24.60 7.20 20.41
N VAL A 146 -24.71 7.62 19.15
CA VAL A 146 -24.12 8.89 18.72
C VAL A 146 -25.13 9.85 18.11
N THR A 147 -25.19 11.08 18.64
CA THR A 147 -26.02 12.16 18.12
C THR A 147 -25.10 13.25 17.55
N VAL A 148 -25.37 13.68 16.32
CA VAL A 148 -24.64 14.74 15.64
C VAL A 148 -25.63 15.86 15.37
N THR A 149 -25.25 17.11 15.70
CA THR A 149 -26.04 18.28 15.39
C THR A 149 -25.20 19.29 14.57
N ALA A 150 -25.83 20.00 13.63
CA ALA A 150 -25.13 20.96 12.77
C ALA A 150 -26.10 21.88 12.09
N ASP A 151 -25.56 22.93 11.45
CA ASP A 151 -26.34 23.84 10.61
C ASP A 151 -26.88 22.97 9.43
N LYS A 152 -28.23 22.97 9.23
CA LYS A 152 -28.89 22.19 8.19
C LYS A 152 -28.48 22.56 6.75
N GLU A 153 -28.41 23.86 6.42
CA GLU A 153 -28.01 24.31 5.07
C GLU A 153 -26.58 23.89 4.72
N LYS A 154 -25.61 24.08 5.63
CA LYS A 154 -24.22 23.70 5.38
C LYS A 154 -23.99 22.19 5.44
N TYR A 155 -24.66 21.51 6.38
CA TYR A 155 -24.48 20.08 6.67
C TYR A 155 -25.78 19.26 6.64
N PRO A 156 -26.48 19.14 5.47
CA PRO A 156 -27.75 18.38 5.44
C PRO A 156 -27.63 16.88 5.60
N VAL A 157 -26.46 16.31 5.29
CA VAL A 157 -26.23 14.87 5.37
C VAL A 157 -25.38 14.59 6.59
N LEU A 158 -25.93 13.80 7.51
CA LEU A 158 -25.26 13.42 8.74
C LEU A 158 -25.14 11.91 8.77
N LEU A 159 -23.92 11.40 9.04
CA LEU A 159 -23.70 9.96 9.10
C LEU A 159 -22.83 9.58 10.27
N SER A 160 -23.08 8.38 10.81
CA SER A 160 -22.25 7.70 11.81
C SER A 160 -22.53 6.20 11.66
N ASN A 161 -21.86 5.38 12.46
CA ASN A 161 -22.04 3.93 12.44
C ASN A 161 -23.41 3.54 12.97
N GLY A 162 -23.92 2.38 12.54
CA GLY A 162 -25.17 1.82 13.04
C GLY A 162 -26.42 2.33 12.35
N ASP A 163 -27.58 2.14 12.99
CA ASP A 163 -28.84 2.58 12.38
C ASP A 163 -29.19 4.00 12.74
N LYS A 164 -29.69 4.78 11.76
CA LYS A 164 -30.16 6.14 12.04
C LYS A 164 -31.52 5.94 12.71
N VAL A 165 -31.58 6.24 14.01
CA VAL A 165 -32.80 6.01 14.79
C VAL A 165 -33.72 7.21 14.95
N ASN A 166 -33.17 8.42 14.84
CA ASN A 166 -33.94 9.66 14.96
C ASN A 166 -33.32 10.79 14.12
N GLU A 167 -34.17 11.71 13.64
CA GLU A 167 -33.81 12.89 12.86
C GLU A 167 -34.72 14.00 13.41
N PHE A 168 -34.16 15.15 13.78
CA PHE A 168 -34.96 16.18 14.41
C PHE A 168 -34.47 17.56 14.05
N GLU A 169 -35.38 18.55 14.06
CA GLU A 169 -35.05 19.95 13.80
C GLU A 169 -34.64 20.58 15.11
N ILE A 170 -33.77 21.60 15.06
CA ILE A 170 -33.27 22.34 16.23
C ILE A 170 -33.48 23.84 15.92
N PRO A 171 -33.92 24.69 16.89
CA PRO A 171 -34.09 26.13 16.58
C PRO A 171 -32.79 26.80 16.11
N GLY A 172 -32.92 27.78 15.21
CA GLY A 172 -31.78 28.50 14.67
C GLY A 172 -31.14 27.90 13.43
N GLY A 173 -31.95 27.18 12.64
CA GLY A 173 -31.53 26.58 11.39
C GLY A 173 -30.62 25.37 11.52
N ARG A 174 -30.72 24.66 12.65
CA ARG A 174 -29.93 23.46 12.94
C ARG A 174 -30.79 22.20 12.86
N HIS A 175 -30.14 21.05 12.79
CA HIS A 175 -30.81 19.75 12.76
C HIS A 175 -29.90 18.71 13.37
N GLY A 176 -30.49 17.60 13.77
CA GLY A 176 -29.73 16.54 14.41
C GLY A 176 -30.12 15.16 13.93
N ALA A 177 -29.23 14.19 14.15
CA ALA A 177 -29.49 12.81 13.80
C ALA A 177 -28.84 11.92 14.86
N ARG A 178 -29.57 10.91 15.29
CA ARG A 178 -29.10 9.94 16.28
C ARG A 178 -28.86 8.61 15.60
N PHE A 179 -27.69 8.02 15.89
CA PHE A 179 -27.29 6.72 15.35
C PHE A 179 -27.00 5.77 16.50
N ASN A 180 -27.61 4.60 16.47
CA ASN A 180 -27.34 3.62 17.52
C ASN A 180 -26.70 2.42 16.91
N ASP A 181 -25.54 2.04 17.45
CA ASP A 181 -24.78 0.90 16.94
C ASP A 181 -24.56 -0.13 18.09
N PRO A 182 -25.53 -1.04 18.30
CA PRO A 182 -25.40 -1.96 19.44
C PRO A 182 -24.24 -2.95 19.43
N PRO A 183 -23.80 -3.59 18.31
CA PRO A 183 -22.68 -4.53 18.41
C PRO A 183 -21.41 -3.85 18.93
N LEU A 184 -20.66 -4.57 19.77
CA LEU A 184 -19.41 -4.04 20.31
C LEU A 184 -18.39 -3.70 19.23
N LYS A 185 -17.62 -2.62 19.43
CA LYS A 185 -16.53 -2.27 18.51
C LYS A 185 -15.41 -1.53 19.23
N PRO A 186 -14.15 -1.60 18.71
CA PRO A 186 -13.09 -0.73 19.25
C PRO A 186 -13.33 0.71 18.76
N CYS A 187 -12.80 1.72 19.49
CA CYS A 187 -13.03 3.13 19.13
C CYS A 187 -12.42 3.58 17.80
N TYR A 188 -11.37 2.89 17.31
CA TYR A 188 -10.76 3.29 16.03
C TYR A 188 -11.72 3.11 14.85
N LEU A 189 -12.78 2.30 15.03
CA LEU A 189 -13.80 2.05 14.00
C LEU A 189 -14.97 3.02 14.06
N PHE A 190 -14.99 3.92 15.04
CA PHE A 190 -16.01 4.96 15.13
C PHE A 190 -15.77 5.95 13.97
N ALA A 191 -16.85 6.49 13.38
CA ALA A 191 -16.73 7.57 12.38
C ALA A 191 -17.98 8.42 12.35
N VAL A 192 -17.80 9.68 11.94
CA VAL A 192 -18.86 10.66 11.78
C VAL A 192 -18.54 11.47 10.53
N VAL A 193 -19.58 11.83 9.76
CA VAL A 193 -19.48 12.62 8.54
C VAL A 193 -20.64 13.59 8.53
N ALA A 194 -20.35 14.87 8.24
CA ALA A 194 -21.38 15.90 8.08
C ALA A 194 -21.02 16.71 6.85
N GLY A 195 -21.98 16.87 5.93
CA GLY A 195 -21.75 17.64 4.72
C GLY A 195 -22.91 17.69 3.76
N ASP A 196 -22.74 18.47 2.70
CA ASP A 196 -23.75 18.60 1.67
C ASP A 196 -23.42 17.53 0.62
N LEU A 197 -23.65 16.28 1.00
CA LEU A 197 -23.26 15.15 0.18
C LEU A 197 -24.32 14.71 -0.78
N LYS A 198 -23.88 14.28 -1.97
CA LYS A 198 -24.76 13.73 -3.01
C LYS A 198 -24.41 12.27 -3.12
N HIS A 199 -25.36 11.42 -3.55
CA HIS A 199 -25.10 9.99 -3.60
C HIS A 199 -25.62 9.27 -4.84
N LEU A 200 -25.14 8.03 -5.04
CA LEU A 200 -25.64 7.01 -5.95
C LEU A 200 -25.94 5.86 -5.00
N SER A 201 -26.96 5.06 -5.29
CA SER A 201 -27.29 3.95 -4.40
C SER A 201 -27.72 2.73 -5.18
N ALA A 202 -27.67 1.57 -4.52
CA ALA A 202 -28.09 0.27 -5.07
C ALA A 202 -28.46 -0.66 -3.92
N THR A 203 -29.19 -1.73 -4.23
CA THR A 203 -29.58 -2.74 -3.25
C THR A 203 -28.84 -4.01 -3.66
N TYR A 204 -28.22 -4.68 -2.69
CA TYR A 204 -27.52 -5.93 -2.88
C TYR A 204 -28.23 -6.99 -2.04
N ILE A 205 -28.52 -8.16 -2.63
CA ILE A 205 -29.18 -9.22 -1.87
C ILE A 205 -28.13 -10.31 -1.60
N THR A 206 -27.90 -10.63 -0.32
CA THR A 206 -26.88 -11.62 0.07
C THR A 206 -27.19 -13.02 -0.48
N LYS A 207 -26.15 -13.81 -0.71
CA LYS A 207 -26.20 -15.14 -1.30
C LYS A 207 -27.03 -16.17 -0.55
N TYR A 208 -26.83 -16.31 0.77
CA TYR A 208 -27.46 -17.34 1.59
C TYR A 208 -28.63 -16.88 2.42
N THR A 209 -28.44 -15.84 3.26
CA THR A 209 -29.50 -15.30 4.12
C THR A 209 -30.57 -14.53 3.33
N LYS A 210 -30.24 -14.08 2.10
CA LYS A 210 -31.12 -13.28 1.22
C LYS A 210 -31.49 -11.94 1.87
N LYS A 211 -30.56 -11.37 2.66
CA LYS A 211 -30.75 -10.08 3.32
C LYS A 211 -30.58 -8.98 2.27
N LYS A 212 -31.46 -7.96 2.29
CA LYS A 212 -31.34 -6.80 1.41
C LYS A 212 -30.38 -5.82 2.07
N VAL A 213 -29.31 -5.47 1.35
CA VAL A 213 -28.32 -4.51 1.86
C VAL A 213 -28.40 -3.27 1.02
N GLU A 214 -28.58 -2.11 1.67
CA GLU A 214 -28.61 -0.81 1.00
C GLU A 214 -27.15 -0.33 0.88
N LEU A 215 -26.71 0.01 -0.35
CA LEU A 215 -25.36 0.49 -0.60
C LEU A 215 -25.44 1.93 -1.06
N TYR A 216 -24.70 2.83 -0.36
CA TYR A 216 -24.68 4.26 -0.69
C TYR A 216 -23.24 4.73 -0.87
N VAL A 217 -22.99 5.46 -1.95
CA VAL A 217 -21.67 6.02 -2.25
C VAL A 217 -21.85 7.52 -2.30
N PHE A 218 -21.03 8.28 -1.54
CA PHE A 218 -21.21 9.72 -1.38
C PHE A 218 -20.01 10.54 -1.79
N SER A 219 -20.26 11.75 -2.29
CA SER A 219 -19.21 12.72 -2.59
C SER A 219 -19.83 14.13 -2.58
N GLU A 220 -18.99 15.15 -2.77
CA GLU A 220 -19.49 16.51 -2.97
C GLU A 220 -20.24 16.50 -4.32
N GLU A 221 -21.18 17.44 -4.46
CA GLU A 221 -22.03 17.55 -5.64
C GLU A 221 -21.32 17.56 -7.00
N LYS A 222 -20.22 18.30 -7.11
CA LYS A 222 -19.46 18.47 -8.36
C LYS A 222 -18.98 17.14 -8.96
N TYR A 223 -18.67 16.16 -8.11
CA TYR A 223 -18.09 14.89 -8.54
C TYR A 223 -18.95 13.64 -8.38
N VAL A 224 -20.25 13.80 -8.04
CA VAL A 224 -21.18 12.68 -7.87
C VAL A 224 -21.22 11.72 -9.08
N SER A 225 -21.08 12.24 -10.30
CA SER A 225 -21.08 11.42 -11.51
C SER A 225 -19.86 10.48 -11.63
N LYS A 226 -18.84 10.65 -10.75
CA LYS A 226 -17.62 9.83 -10.76
C LYS A 226 -17.70 8.66 -9.76
N LEU A 227 -18.88 8.44 -9.15
CA LEU A 227 -19.07 7.38 -8.14
C LEU A 227 -19.48 6.02 -8.66
N GLN A 228 -19.95 5.95 -9.92
CA GLN A 228 -20.48 4.69 -10.48
C GLN A 228 -19.54 3.51 -10.41
N TRP A 229 -18.25 3.66 -10.78
CA TRP A 229 -17.33 2.52 -10.73
C TRP A 229 -17.19 1.95 -9.29
N ALA A 230 -17.08 2.85 -8.29
CA ALA A 230 -16.95 2.48 -6.87
C ALA A 230 -18.13 1.58 -6.45
N LEU A 231 -19.34 1.95 -6.88
CA LEU A 231 -20.57 1.21 -6.61
C LEU A 231 -20.47 -0.20 -7.19
N GLU A 232 -20.04 -0.33 -8.45
CA GLU A 232 -19.83 -1.65 -9.09
C GLU A 232 -18.78 -2.43 -8.33
N CYS A 233 -17.67 -1.76 -7.93
CA CYS A 233 -16.60 -2.42 -7.19
C CYS A 233 -17.10 -2.98 -5.86
N LEU A 234 -17.96 -2.20 -5.18
CA LEU A 234 -18.52 -2.65 -3.90
C LEU A 234 -19.37 -3.92 -4.10
N LYS A 235 -20.21 -3.95 -5.16
CA LYS A 235 -21.00 -5.15 -5.46
C LYS A 235 -20.07 -6.36 -5.73
N LYS A 236 -19.00 -6.15 -6.51
CA LYS A 236 -18.03 -7.20 -6.84
C LYS A 236 -17.34 -7.76 -5.60
N SER A 237 -16.98 -6.87 -4.64
CA SER A 237 -16.29 -7.24 -3.40
C SER A 237 -17.22 -8.10 -2.56
N MET A 238 -18.49 -7.70 -2.43
CA MET A 238 -19.49 -8.47 -1.67
C MET A 238 -19.64 -9.87 -2.26
N ALA A 239 -19.76 -9.96 -3.59
CA ALA A 239 -19.91 -11.24 -4.32
C ALA A 239 -18.68 -12.13 -4.13
N PHE A 240 -17.47 -11.54 -4.18
CA PHE A 240 -16.25 -12.31 -4.01
C PHE A 240 -16.16 -12.91 -2.61
N ASP A 241 -16.40 -12.10 -1.56
CA ASP A 241 -16.32 -12.63 -0.19
C ASP A 241 -17.32 -13.77 0.03
N GLU A 242 -18.48 -13.68 -0.62
CA GLU A 242 -19.51 -14.73 -0.59
C GLU A 242 -19.06 -15.98 -1.34
N ASP A 243 -18.59 -15.81 -2.58
CA ASP A 243 -18.16 -16.88 -3.48
C ASP A 243 -16.93 -17.65 -3.03
N TYR A 244 -15.86 -16.93 -2.67
CA TYR A 244 -14.62 -17.54 -2.24
C TYR A 244 -14.66 -17.96 -0.78
N PHE A 245 -15.02 -17.05 0.12
CA PHE A 245 -14.99 -17.31 1.55
C PHE A 245 -16.30 -17.70 2.23
N GLY A 246 -17.42 -17.61 1.52
CA GLY A 246 -18.75 -17.90 2.06
C GLY A 246 -19.17 -16.89 3.11
N LEU A 247 -18.68 -15.65 2.98
CA LEU A 247 -18.90 -14.56 3.92
C LEU A 247 -19.86 -13.52 3.39
N GLU A 248 -20.91 -13.24 4.17
CA GLU A 248 -21.94 -12.26 3.81
C GLU A 248 -21.90 -11.06 4.73
N TYR A 249 -22.28 -9.89 4.19
CA TYR A 249 -22.39 -8.66 4.98
C TYR A 249 -23.59 -8.84 5.95
N ASP A 250 -23.39 -8.43 7.20
CA ASP A 250 -24.27 -8.60 8.36
C ASP A 250 -25.18 -7.42 8.70
N LEU A 251 -24.90 -6.22 8.13
CA LEU A 251 -25.64 -4.99 8.39
C LEU A 251 -26.61 -4.59 7.29
N SER A 252 -27.58 -3.73 7.60
CA SER A 252 -28.59 -3.33 6.62
C SER A 252 -28.11 -2.29 5.62
N ARG A 253 -26.98 -1.64 5.91
CA ARG A 253 -26.47 -0.60 5.02
C ARG A 253 -24.95 -0.51 5.07
N LEU A 254 -24.36 -0.11 3.94
CA LEU A 254 -22.94 0.16 3.84
C LEU A 254 -22.77 1.48 3.09
N ASN A 255 -22.16 2.46 3.77
CA ASN A 255 -21.89 3.78 3.18
C ASN A 255 -20.41 3.90 2.84
N LEU A 256 -20.11 4.46 1.64
CA LEU A 256 -18.74 4.80 1.22
C LEU A 256 -18.74 6.30 0.99
N VAL A 257 -17.77 7.04 1.56
CA VAL A 257 -17.76 8.51 1.41
C VAL A 257 -16.38 8.97 0.92
N ALA A 258 -16.35 9.81 -0.13
CA ALA A 258 -15.11 10.39 -0.65
C ALA A 258 -14.88 11.79 -0.07
N VAL A 259 -13.66 12.02 0.44
CA VAL A 259 -13.21 13.33 0.96
C VAL A 259 -11.91 13.74 0.22
N SER A 260 -11.71 15.05 -0.01
CA SER A 260 -10.55 15.56 -0.73
C SER A 260 -9.22 15.47 0.02
N ASP A 261 -9.26 15.59 1.36
CA ASP A 261 -8.10 15.64 2.24
C ASP A 261 -8.04 14.37 3.09
N PHE A 262 -7.09 13.47 2.78
CA PHE A 262 -6.99 12.19 3.49
C PHE A 262 -5.54 11.74 3.49
N ASN A 263 -5.01 11.33 4.66
CA ASN A 263 -3.60 10.93 4.80
C ASN A 263 -3.25 9.68 4.01
N VAL A 264 -4.20 8.74 3.93
CA VAL A 264 -3.96 7.48 3.20
C VAL A 264 -4.98 7.26 2.05
N GLY A 265 -5.21 6.00 1.65
CA GLY A 265 -6.18 5.62 0.63
C GLY A 265 -7.62 5.60 1.13
N ALA A 266 -7.89 4.89 2.23
CA ALA A 266 -9.25 4.78 2.80
C ALA A 266 -9.23 4.25 4.22
N MET A 267 -10.41 4.05 4.83
CA MET A 267 -10.53 3.60 6.22
C MET A 267 -11.81 2.79 6.36
N GLU A 268 -11.73 1.61 7.00
CA GLU A 268 -12.83 0.65 7.15
C GLU A 268 -13.84 0.90 8.28
N ASN A 269 -14.09 2.15 8.69
CA ASN A 269 -15.07 2.36 9.77
C ASN A 269 -16.36 1.57 9.50
N LYS A 270 -16.82 0.81 10.50
CA LYS A 270 -17.98 -0.10 10.44
C LYS A 270 -19.24 0.54 9.83
N GLY A 271 -19.61 0.07 8.64
CA GLY A 271 -20.76 0.55 7.86
C GLY A 271 -20.61 1.94 7.25
N LEU A 272 -19.45 2.58 7.45
CA LEU A 272 -19.19 3.95 7.00
C LEU A 272 -17.71 4.08 6.56
N ASN A 273 -17.36 3.42 5.45
CA ASN A 273 -15.98 3.48 4.93
C ASN A 273 -15.67 4.86 4.33
N ILE A 274 -14.55 5.47 4.72
CA ILE A 274 -14.20 6.83 4.26
C ILE A 274 -12.97 6.72 3.39
N PHE A 275 -12.98 7.44 2.25
CA PHE A 275 -11.96 7.32 1.23
C PHE A 275 -11.35 8.63 0.85
N ASN A 276 -10.06 8.56 0.52
CA ASN A 276 -9.36 9.61 -0.20
C ASN A 276 -10.14 9.65 -1.54
N ALA A 277 -10.60 10.84 -1.98
CA ALA A 277 -11.28 10.97 -3.27
C ALA A 277 -10.52 10.25 -4.41
N ASN A 278 -9.17 10.25 -4.41
CA ASN A 278 -8.37 9.58 -5.46
C ASN A 278 -8.52 8.04 -5.50
N SER A 279 -9.09 7.45 -4.43
CA SER A 279 -9.29 6.00 -4.32
C SER A 279 -10.77 5.60 -4.36
N LEU A 280 -11.68 6.53 -4.75
CA LEU A 280 -13.11 6.27 -4.89
C LEU A 280 -13.72 6.84 -6.18
N LEU A 281 -13.24 8.00 -6.65
CA LEU A 281 -13.85 8.66 -7.81
C LEU A 281 -13.10 8.47 -9.10
N ALA A 282 -13.84 8.22 -10.18
CA ALA A 282 -13.23 8.10 -11.51
C ALA A 282 -14.29 8.31 -12.60
N SER A 283 -13.84 8.77 -13.77
CA SER A 283 -14.63 8.86 -15.01
C SER A 283 -13.67 8.58 -16.16
N LYS A 284 -14.18 8.07 -17.28
CA LYS A 284 -13.31 7.77 -18.44
C LYS A 284 -12.70 9.08 -18.98
N LYS A 285 -13.45 10.20 -18.90
CA LYS A 285 -12.94 11.48 -19.42
C LYS A 285 -11.91 12.13 -18.47
N ASN A 286 -12.11 11.97 -17.16
CA ASN A 286 -11.30 12.71 -16.19
C ASN A 286 -10.37 11.93 -15.28
N SER A 287 -10.07 10.67 -15.63
CA SER A 287 -9.14 9.85 -14.85
C SER A 287 -8.23 9.05 -15.74
N ILE A 288 -7.01 8.78 -15.22
CA ILE A 288 -6.09 7.89 -15.89
C ILE A 288 -6.56 6.45 -15.60
N ASP A 289 -6.14 5.51 -16.45
CA ASP A 289 -6.50 4.09 -16.34
C ASP A 289 -6.20 3.53 -14.95
N PHE A 290 -5.07 3.91 -14.33
CA PHE A 290 -4.67 3.43 -13.00
C PHE A 290 -5.77 3.62 -11.95
N SER A 291 -6.59 4.67 -12.09
CA SER A 291 -7.69 4.95 -11.14
C SER A 291 -8.65 3.76 -10.99
N TYR A 292 -8.91 3.05 -12.10
CA TYR A 292 -9.84 1.93 -12.14
C TYR A 292 -9.41 0.75 -11.28
N ALA A 293 -8.13 0.34 -11.41
CA ALA A 293 -7.57 -0.74 -10.60
C ALA A 293 -7.45 -0.26 -9.17
N ARG A 294 -7.11 1.02 -8.96
CA ARG A 294 -6.95 1.56 -7.60
C ARG A 294 -8.26 1.54 -6.80
N ILE A 295 -9.36 2.01 -7.41
CA ILE A 295 -10.68 2.03 -6.78
C ILE A 295 -11.11 0.59 -6.50
N LEU A 296 -10.91 -0.31 -7.48
CA LEU A 296 -11.28 -1.71 -7.26
C LEU A 296 -10.57 -2.31 -6.02
N THR A 297 -9.24 -2.07 -5.92
CA THR A 297 -8.46 -2.62 -4.80
C THR A 297 -8.80 -1.99 -3.47
N VAL A 298 -9.00 -0.66 -3.44
CA VAL A 298 -9.26 0.06 -2.17
C VAL A 298 -10.67 -0.22 -1.65
N VAL A 299 -11.68 -0.18 -2.55
CA VAL A 299 -13.07 -0.53 -2.19
C VAL A 299 -13.05 -1.98 -1.66
N GLY A 300 -12.40 -2.87 -2.42
CA GLY A 300 -12.26 -4.26 -1.99
C GLY A 300 -11.62 -4.40 -0.63
N HIS A 301 -10.44 -3.80 -0.45
CA HIS A 301 -9.67 -3.84 0.79
C HIS A 301 -10.53 -3.46 2.01
N GLU A 302 -11.14 -2.26 1.98
CA GLU A 302 -11.96 -1.81 3.11
C GLU A 302 -13.16 -2.71 3.34
N TYR A 303 -13.80 -3.20 2.25
CA TYR A 303 -14.92 -4.15 2.40
C TYR A 303 -14.43 -5.43 3.10
N PHE A 304 -13.27 -5.99 2.69
CA PHE A 304 -12.77 -7.24 3.29
C PHE A 304 -12.43 -7.12 4.76
N HIS A 305 -12.17 -5.90 5.23
CA HIS A 305 -11.92 -5.67 6.67
C HIS A 305 -13.17 -5.91 7.50
N GLN A 306 -14.38 -5.88 6.89
CA GLN A 306 -15.61 -6.10 7.67
C GLN A 306 -15.47 -7.40 8.50
N TYR A 307 -14.84 -8.44 7.92
CA TYR A 307 -14.52 -9.66 8.65
C TYR A 307 -13.13 -9.60 9.31
N THR A 308 -12.08 -9.37 8.49
CA THR A 308 -10.68 -9.36 8.93
C THR A 308 -10.24 -7.98 9.39
N GLY A 309 -10.71 -7.61 10.56
CA GLY A 309 -10.44 -6.31 11.18
C GLY A 309 -11.60 -5.81 12.03
N ASN A 310 -12.84 -5.88 11.48
CA ASN A 310 -14.06 -5.38 12.13
C ASN A 310 -14.79 -6.42 12.96
N ARG A 311 -15.15 -7.56 12.36
CA ARG A 311 -15.80 -8.64 13.09
C ARG A 311 -14.80 -9.41 13.93
N VAL A 312 -13.61 -9.72 13.36
CA VAL A 312 -12.51 -10.36 14.12
C VAL A 312 -11.55 -9.17 14.29
N THR A 313 -11.41 -8.70 15.52
CA THR A 313 -10.68 -7.52 15.95
C THR A 313 -9.20 -7.79 16.38
N LEU A 314 -8.41 -6.72 16.56
CA LEU A 314 -7.04 -6.84 17.06
C LEU A 314 -7.03 -6.68 18.58
N ARG A 315 -6.26 -7.53 19.29
CA ARG A 315 -6.11 -7.39 20.73
C ARG A 315 -5.31 -6.12 21.07
N ASP A 316 -4.28 -5.83 20.25
CA ASP A 316 -3.37 -4.71 20.47
C ASP A 316 -2.75 -4.35 19.12
N TRP A 317 -2.09 -3.19 19.02
CA TRP A 317 -1.49 -2.73 17.78
C TRP A 317 -0.34 -3.55 17.24
N PHE A 318 0.30 -4.38 18.08
CA PHE A 318 1.38 -5.26 17.61
C PHE A 318 0.84 -6.32 16.66
N GLN A 319 -0.49 -6.58 16.71
CA GLN A 319 -1.16 -7.55 15.84
C GLN A 319 -1.57 -6.93 14.48
N LEU A 320 -1.15 -5.69 14.17
CA LEU A 320 -1.57 -4.99 12.95
C LEU A 320 -1.58 -5.82 11.64
N THR A 321 -0.52 -6.61 11.41
CA THR A 321 -0.42 -7.48 10.20
C THR A 321 -1.56 -8.48 10.09
N LEU A 322 -2.10 -8.91 11.24
CA LEU A 322 -3.25 -9.81 11.32
C LEU A 322 -4.46 -9.21 10.56
N LYS A 323 -4.69 -7.90 10.69
CA LYS A 323 -5.75 -7.29 9.88
C LYS A 323 -5.22 -6.72 8.57
N GLU A 324 -4.04 -6.07 8.57
CA GLU A 324 -3.53 -5.47 7.33
C GLU A 324 -2.96 -6.45 6.32
N GLY A 325 -2.08 -7.34 6.76
CA GLY A 325 -1.48 -8.36 5.89
C GLY A 325 -2.55 -9.28 5.33
N LEU A 326 -3.46 -9.74 6.19
CA LEU A 326 -4.53 -10.64 5.76
C LEU A 326 -5.51 -9.96 4.80
N THR A 327 -5.82 -8.69 5.04
CA THR A 327 -6.75 -7.97 4.17
C THR A 327 -6.11 -7.65 2.82
N VAL A 328 -4.80 -7.31 2.80
CA VAL A 328 -4.09 -7.10 1.52
C VAL A 328 -4.10 -8.42 0.75
N HIS A 329 -3.94 -9.55 1.45
CA HIS A 329 -3.99 -10.89 0.80
C HIS A 329 -5.38 -11.11 0.18
N ARG A 330 -6.46 -10.79 0.92
CA ARG A 330 -7.85 -10.92 0.44
C ARG A 330 -8.11 -10.00 -0.75
N GLU A 331 -7.60 -8.74 -0.67
CA GLU A 331 -7.67 -7.73 -1.73
C GLU A 331 -6.95 -8.24 -3.00
N ASN A 332 -5.75 -8.83 -2.82
CA ASN A 332 -4.97 -9.36 -3.97
C ASN A 332 -5.67 -10.53 -4.64
N LEU A 333 -6.24 -11.48 -3.85
CA LEU A 333 -6.99 -12.61 -4.43
C LEU A 333 -8.17 -12.08 -5.26
N PHE A 334 -8.89 -11.09 -4.69
CA PHE A 334 -10.04 -10.48 -5.34
C PHE A 334 -9.67 -9.80 -6.66
N SER A 335 -8.61 -8.97 -6.65
CA SER A 335 -8.16 -8.23 -7.82
C SER A 335 -7.66 -9.16 -8.91
N GLU A 336 -6.98 -10.27 -8.53
CA GLU A 336 -6.53 -11.25 -9.53
C GLU A 336 -7.76 -11.87 -10.22
N GLU A 337 -8.80 -12.19 -9.41
CA GLU A 337 -10.01 -12.78 -9.94
C GLU A 337 -10.82 -11.80 -10.81
N MET A 338 -10.85 -10.50 -10.43
CA MET A 338 -11.60 -9.50 -11.17
C MET A 338 -10.94 -9.05 -12.46
N THR A 339 -9.60 -8.89 -12.46
CA THR A 339 -8.87 -8.37 -13.63
C THR A 339 -8.60 -9.44 -14.68
N LYS A 340 -8.43 -10.69 -14.24
CA LYS A 340 -8.06 -11.86 -15.05
C LYS A 340 -6.81 -11.59 -15.92
N THR A 341 -5.87 -10.77 -15.41
CA THR A 341 -4.63 -10.43 -16.11
C THR A 341 -3.47 -10.91 -15.24
N VAL A 342 -2.43 -11.50 -15.85
CA VAL A 342 -1.24 -11.95 -15.11
C VAL A 342 -0.47 -10.78 -14.48
N THR A 343 -0.61 -9.57 -15.04
CA THR A 343 0.11 -8.39 -14.52
C THR A 343 -0.33 -7.96 -13.13
N THR A 344 -1.52 -8.40 -12.69
CA THR A 344 -2.00 -8.05 -11.34
C THR A 344 -1.04 -8.68 -10.29
N ARG A 345 -0.80 -10.00 -10.40
CA ARG A 345 0.14 -10.67 -9.47
C ARG A 345 1.54 -10.11 -9.67
N LEU A 346 1.97 -9.91 -10.93
CA LEU A 346 3.30 -9.34 -11.19
C LEU A 346 3.47 -7.97 -10.55
N SER A 347 2.40 -7.12 -10.61
CA SER A 347 2.50 -5.78 -10.04
C SER A 347 2.74 -5.84 -8.52
N HIS A 348 2.13 -6.82 -7.83
CA HIS A 348 2.29 -7.03 -6.38
CA HIS A 348 2.33 -6.95 -6.38
C HIS A 348 3.74 -7.44 -6.06
N VAL A 349 4.27 -8.38 -6.86
CA VAL A 349 5.64 -8.86 -6.66
C VAL A 349 6.62 -7.67 -6.92
N ASP A 350 6.37 -6.88 -7.98
CA ASP A 350 7.20 -5.70 -8.35
C ASP A 350 7.26 -4.70 -7.21
N LEU A 351 6.12 -4.49 -6.54
CA LEU A 351 5.99 -3.60 -5.38
C LEU A 351 6.82 -4.16 -4.22
N LEU A 352 6.60 -5.42 -3.85
CA LEU A 352 7.35 -6.03 -2.73
C LEU A 352 8.86 -6.01 -2.93
N ARG A 353 9.35 -6.49 -4.11
CA ARG A 353 10.78 -6.59 -4.37
C ARG A 353 11.49 -5.27 -4.55
N SER A 354 10.77 -4.22 -4.87
CA SER A 354 11.46 -2.95 -4.99
C SER A 354 11.41 -2.25 -3.62
N VAL A 355 10.21 -1.77 -3.23
CA VAL A 355 9.91 -1.02 -2.00
C VAL A 355 10.12 -1.79 -0.68
N GLN A 356 9.51 -2.99 -0.56
CA GLN A 356 9.62 -3.72 0.72
C GLN A 356 11.01 -4.28 0.98
N PHE A 357 11.67 -4.81 -0.08
CA PHE A 357 13.04 -5.36 0.08
C PHE A 357 14.00 -4.26 0.48
N LEU A 358 13.81 -3.05 -0.09
CA LEU A 358 14.61 -1.89 0.29
C LEU A 358 14.40 -1.64 1.80
N GLU A 359 13.14 -1.62 2.27
CA GLU A 359 12.85 -1.38 3.70
C GLU A 359 13.52 -2.44 4.59
N ASP A 360 13.40 -3.70 4.17
CA ASP A 360 13.93 -4.83 4.93
C ASP A 360 15.47 -4.89 5.01
N SER A 361 16.18 -4.19 4.13
CA SER A 361 17.65 -4.15 4.19
C SER A 361 18.15 -2.78 4.69
N SER A 362 17.19 -1.93 5.13
CA SER A 362 17.47 -0.58 5.64
C SER A 362 17.55 -0.56 7.15
N PRO A 363 17.96 0.59 7.74
CA PRO A 363 17.94 0.72 9.21
C PRO A 363 16.52 0.64 9.80
N LEU A 364 15.47 0.81 8.96
CA LEU A 364 14.07 0.71 9.38
C LEU A 364 13.55 -0.73 9.44
N SER A 365 14.37 -1.71 9.01
CA SER A 365 13.96 -3.13 8.99
C SER A 365 13.30 -3.59 10.30
N HIS A 366 12.17 -4.28 10.16
CA HIS A 366 11.41 -4.80 11.26
C HIS A 366 10.66 -6.08 10.85
N PRO A 367 10.29 -6.95 11.80
CA PRO A 367 9.45 -8.10 11.42
C PRO A 367 8.02 -7.58 11.16
N ILE A 368 7.17 -8.42 10.56
CA ILE A 368 5.78 -8.07 10.28
C ILE A 368 5.01 -7.89 11.61
N ARG A 369 5.51 -8.48 12.71
CA ARG A 369 4.96 -8.26 14.05
C ARG A 369 6.12 -7.66 14.90
N PRO A 370 6.27 -6.33 14.94
CA PRO A 370 7.37 -5.73 15.72
C PRO A 370 7.29 -5.98 17.23
N GLU A 371 8.44 -5.87 17.90
CA GLU A 371 8.54 -6.10 19.35
C GLU A 371 8.28 -4.84 20.16
N SER A 372 8.44 -3.66 19.53
CA SER A 372 8.26 -2.37 20.20
C SER A 372 7.86 -1.26 19.22
N TYR A 373 7.38 -0.13 19.77
CA TYR A 373 7.06 1.10 19.05
C TYR A 373 7.09 2.30 19.99
N VAL A 374 7.34 3.49 19.43
CA VAL A 374 7.26 4.77 20.11
C VAL A 374 6.03 5.44 19.47
N SER A 375 6.03 5.56 18.14
CA SER A 375 4.95 6.13 17.33
C SER A 375 4.25 4.99 16.58
N MET A 376 2.98 4.73 16.94
CA MET A 376 2.14 3.67 16.37
C MET A 376 1.97 3.83 14.85
N ALA A 377 1.74 5.07 14.39
CA ALA A 377 1.57 5.43 12.99
C ALA A 377 2.74 5.00 12.08
N ASN A 378 3.96 4.84 12.65
CA ASN A 378 5.13 4.43 11.88
C ASN A 378 5.22 2.88 11.66
N PHE A 379 4.19 2.10 12.16
CA PHE A 379 4.00 0.62 12.04
C PHE A 379 3.22 0.30 10.75
N TYR A 380 2.61 1.32 10.13
CA TYR A 380 1.80 1.11 8.92
C TYR A 380 2.77 1.16 7.73
N THR A 381 3.43 0.01 7.48
CA THR A 381 4.52 -0.05 6.52
C THR A 381 4.30 -1.08 5.45
N THR A 382 5.11 -0.99 4.38
CA THR A 382 5.12 -2.00 3.32
C THR A 382 5.51 -3.38 3.88
N THR A 383 6.34 -3.44 4.95
CA THR A 383 6.67 -4.74 5.56
C THR A 383 5.36 -5.33 6.18
N VAL A 384 4.71 -4.56 7.07
CA VAL A 384 3.49 -5.03 7.74
C VAL A 384 2.38 -5.37 6.74
N TYR A 385 2.21 -4.53 5.72
CA TYR A 385 1.18 -4.73 4.71
C TYR A 385 1.54 -5.79 3.67
N ASP A 386 2.62 -5.53 2.93
CA ASP A 386 2.97 -6.34 1.76
C ASP A 386 3.72 -7.61 2.06
N LYS A 387 4.74 -7.56 2.97
CA LYS A 387 5.39 -8.81 3.36
C LYS A 387 4.34 -9.60 4.18
N GLY A 388 3.55 -8.91 5.00
CA GLY A 388 2.46 -9.54 5.73
C GLY A 388 1.48 -10.25 4.79
N SER A 389 1.12 -9.62 3.65
CA SER A 389 0.22 -10.26 2.68
C SER A 389 0.85 -11.51 2.08
N GLU A 390 2.17 -11.48 1.80
CA GLU A 390 2.90 -12.64 1.23
C GLU A 390 2.97 -13.77 2.27
N VAL A 391 3.13 -13.41 3.56
CA VAL A 391 3.12 -14.42 4.66
C VAL A 391 1.71 -15.03 4.76
N MET A 392 0.68 -14.20 4.61
CA MET A 392 -0.70 -14.71 4.62
C MET A 392 -0.96 -15.60 3.39
N ARG A 393 -0.41 -15.21 2.22
CA ARG A 393 -0.57 -15.96 0.96
C ARG A 393 0.15 -17.32 1.00
N MET A 394 1.31 -17.40 1.69
CA MET A 394 2.04 -18.68 1.80
C MET A 394 1.21 -19.78 2.45
N TYR A 395 0.28 -19.45 3.39
CA TYR A 395 -0.62 -20.47 3.98
C TYR A 395 -1.47 -21.12 2.88
N LEU A 396 -1.98 -20.32 1.91
CA LEU A 396 -2.78 -20.83 0.78
C LEU A 396 -1.91 -21.74 -0.11
N THR A 397 -0.66 -21.32 -0.40
CA THR A 397 0.25 -22.12 -1.23
C THR A 397 0.56 -23.47 -0.54
N ILE A 398 0.80 -23.45 0.78
CA ILE A 398 1.12 -24.66 1.55
C ILE A 398 -0.07 -25.62 1.61
N LEU A 399 -1.23 -25.10 1.95
CA LEU A 399 -2.45 -25.88 2.16
C LEU A 399 -3.26 -26.23 0.91
N GLY A 400 -3.16 -25.41 -0.12
CA GLY A 400 -4.00 -25.56 -1.29
C GLY A 400 -5.37 -24.95 -0.98
N GLU A 401 -6.16 -24.61 -2.01
CA GLU A 401 -7.44 -23.93 -1.87
C GLU A 401 -8.43 -24.54 -0.87
N GLU A 402 -8.70 -25.85 -0.99
CA GLU A 402 -9.64 -26.58 -0.13
C GLU A 402 -9.32 -26.47 1.34
N TYR A 403 -8.08 -26.85 1.73
CA TYR A 403 -7.68 -26.79 3.14
C TYR A 403 -7.43 -25.38 3.61
N TYR A 404 -7.03 -24.44 2.71
CA TYR A 404 -6.88 -23.06 3.14
C TYR A 404 -8.25 -22.48 3.56
N LYS A 405 -9.28 -22.73 2.72
CA LYS A 405 -10.66 -22.29 2.99
C LYS A 405 -11.18 -22.90 4.30
N LYS A 406 -10.79 -24.16 4.61
CA LYS A 406 -11.18 -24.83 5.86
C LYS A 406 -10.53 -24.13 7.06
N GLY A 407 -9.23 -23.84 6.96
CA GLY A 407 -8.50 -23.14 8.01
C GLY A 407 -9.00 -21.72 8.23
N PHE A 408 -9.35 -21.02 7.13
CA PHE A 408 -9.83 -19.64 7.20
C PHE A 408 -11.20 -19.62 7.90
N ASP A 409 -12.09 -20.58 7.56
CA ASP A 409 -13.41 -20.65 8.20
C ASP A 409 -13.26 -20.97 9.69
N ILE A 410 -12.27 -21.81 10.06
CA ILE A 410 -11.93 -22.12 11.46
C ILE A 410 -11.56 -20.81 12.18
N TYR A 411 -10.69 -20.00 11.55
CA TYR A 411 -10.30 -18.71 12.11
C TYR A 411 -11.50 -17.80 12.38
N ILE A 412 -12.42 -17.68 11.39
CA ILE A 412 -13.60 -16.82 11.50
C ILE A 412 -14.59 -17.34 12.54
N LYS A 413 -14.93 -18.62 12.50
CA LYS A 413 -15.90 -19.19 13.43
C LYS A 413 -15.41 -19.08 14.88
N LYS A 414 -14.11 -19.36 15.13
CA LYS A 414 -13.52 -19.29 16.48
C LYS A 414 -13.33 -17.88 17.02
N ASN A 415 -13.11 -16.89 16.15
CA ASN A 415 -12.79 -15.53 16.60
C ASN A 415 -13.78 -14.41 16.30
N ASP A 416 -14.88 -14.70 15.56
CA ASP A 416 -15.92 -13.73 15.21
C ASP A 416 -16.47 -13.03 16.45
N GLY A 417 -16.49 -11.69 16.44
CA GLY A 417 -17.00 -10.91 17.57
C GLY A 417 -16.02 -10.75 18.72
N ASN A 418 -14.75 -11.16 18.51
CA ASN A 418 -13.70 -11.09 19.53
C ASN A 418 -12.40 -10.49 18.99
N THR A 419 -11.49 -10.14 19.92
CA THR A 419 -10.15 -9.66 19.60
C THR A 419 -9.34 -10.93 19.27
N ALA A 420 -8.26 -10.78 18.49
CA ALA A 420 -7.41 -11.91 18.13
C ALA A 420 -5.95 -11.47 17.97
N THR A 421 -5.03 -12.46 17.93
CA THR A 421 -3.58 -12.26 17.78
C THR A 421 -3.09 -13.10 16.58
N CYS A 422 -1.84 -12.86 16.12
CA CYS A 422 -1.25 -13.63 15.01
C CYS A 422 -1.22 -15.14 15.30
N GLU A 423 -1.05 -15.54 16.59
CA GLU A 423 -1.06 -16.94 17.00
C GLU A 423 -2.41 -17.60 16.74
N ASP A 424 -3.53 -16.88 16.97
CA ASP A 424 -4.88 -17.40 16.70
C ASP A 424 -5.02 -17.77 15.24
N PHE A 425 -4.45 -16.95 14.33
CA PHE A 425 -4.51 -17.25 12.90
C PHE A 425 -3.66 -18.44 12.58
N ASN A 426 -2.42 -18.47 13.09
CA ASN A 426 -1.53 -19.61 12.86
C ASN A 426 -2.15 -20.91 13.37
N TYR A 427 -2.85 -20.85 14.54
CA TYR A 427 -3.53 -22.01 15.17
C TYR A 427 -4.58 -22.58 14.21
N ALA A 428 -5.40 -21.70 13.60
CA ALA A 428 -6.45 -22.11 12.67
C ALA A 428 -5.87 -22.81 11.45
N MET A 429 -4.75 -22.26 10.91
CA MET A 429 -4.06 -22.81 9.74
C MET A 429 -3.41 -24.15 10.07
N GLU A 430 -2.90 -24.29 11.30
CA GLU A 430 -2.28 -25.51 11.80
C GLU A 430 -3.32 -26.64 11.82
N GLN A 431 -4.58 -26.31 12.21
CA GLN A 431 -5.67 -27.30 12.25
C GLN A 431 -5.91 -27.84 10.85
N ALA A 432 -5.92 -26.94 9.84
CA ALA A 432 -6.05 -27.33 8.44
C ALA A 432 -4.82 -28.11 7.94
N TYR A 433 -3.62 -27.78 8.49
CA TYR A 433 -2.36 -28.44 8.12
C TYR A 433 -2.40 -29.89 8.59
N LYS A 434 -2.83 -30.12 9.86
CA LYS A 434 -3.01 -31.45 10.49
C LYS A 434 -3.96 -32.31 9.66
N MET A 435 -5.09 -31.71 9.20
CA MET A 435 -6.10 -32.35 8.36
C MET A 435 -5.52 -32.73 7.00
N LYS A 436 -4.80 -31.79 6.35
CA LYS A 436 -4.18 -32.01 5.03
C LYS A 436 -3.09 -33.10 5.06
N LYS A 437 -2.24 -33.09 6.10
CA LYS A 437 -1.12 -34.04 6.29
C LYS A 437 -1.61 -35.40 6.85
N ALA A 438 -2.88 -35.45 7.29
CA ALA A 438 -3.53 -36.62 7.91
C ALA A 438 -2.77 -37.14 9.16
N ASP A 439 -2.24 -36.20 9.97
CA ASP A 439 -1.58 -36.49 11.25
C ASP A 439 -1.61 -35.34 12.23
N ASN A 440 -2.19 -35.61 13.41
CA ASN A 440 -2.34 -34.64 14.50
C ASN A 440 -1.04 -34.25 15.20
N SER A 441 0.10 -34.82 14.77
CA SER A 441 1.42 -34.50 15.30
C SER A 441 2.05 -33.32 14.53
N ALA A 442 1.59 -33.09 13.28
CA ALA A 442 2.07 -32.01 12.43
C ALA A 442 1.74 -30.64 13.01
N ASN A 443 2.69 -29.71 12.91
CA ASN A 443 2.48 -28.37 13.43
C ASN A 443 3.09 -27.31 12.52
N LEU A 444 2.79 -26.05 12.83
CA LEU A 444 3.29 -24.88 12.12
C LEU A 444 4.03 -23.97 13.12
N ASN A 445 4.66 -24.58 14.14
CA ASN A 445 5.41 -23.79 15.14
C ASN A 445 6.53 -23.00 14.47
N GLN A 446 7.26 -23.62 13.52
CA GLN A 446 8.34 -22.96 12.78
C GLN A 446 7.80 -21.79 11.94
N TYR A 447 6.55 -21.92 11.43
CA TYR A 447 5.92 -20.87 10.61
C TYR A 447 5.85 -19.54 11.33
N LEU A 448 5.72 -19.56 12.69
CA LEU A 448 5.67 -18.34 13.50
C LEU A 448 6.87 -17.45 13.33
N LEU A 449 8.03 -18.00 12.92
CA LEU A 449 9.22 -17.18 12.70
C LEU A 449 8.99 -16.13 11.57
N TRP A 450 8.01 -16.39 10.65
CA TRP A 450 7.68 -15.40 9.61
C TRP A 450 7.10 -14.13 10.25
N PHE A 451 6.55 -14.25 11.48
CA PHE A 451 6.00 -13.09 12.19
C PHE A 451 7.06 -12.33 12.98
N SER A 452 8.07 -13.05 13.51
CA SER A 452 9.09 -12.46 14.42
C SER A 452 10.44 -12.14 13.79
N GLN A 453 10.81 -12.80 12.69
CA GLN A 453 12.11 -12.58 12.09
C GLN A 453 12.09 -11.52 11.01
N SER A 454 12.96 -10.50 11.15
CA SER A 454 13.07 -9.46 10.12
C SER A 454 14.09 -9.89 9.09
N GLY A 455 14.11 -9.18 7.95
CA GLY A 455 15.07 -9.44 6.90
C GLY A 455 14.55 -10.36 5.82
N THR A 456 15.08 -10.21 4.59
CA THR A 456 14.65 -11.02 3.46
C THR A 456 15.54 -12.28 3.36
N PRO A 457 14.95 -13.49 3.37
CA PRO A 457 15.77 -14.69 3.15
C PRO A 457 16.31 -14.70 1.73
N HIS A 458 17.52 -15.27 1.57
CA HIS A 458 18.13 -15.49 0.26
C HIS A 458 18.06 -16.99 0.01
N VAL A 459 17.49 -17.40 -1.14
CA VAL A 459 17.35 -18.81 -1.46
C VAL A 459 18.16 -19.10 -2.74
N SER A 460 19.16 -19.98 -2.61
CA SER A 460 20.07 -20.32 -3.68
C SER A 460 20.01 -21.79 -4.04
N PHE A 461 20.39 -22.10 -5.28
CA PHE A 461 20.27 -23.42 -5.85
C PHE A 461 21.51 -23.96 -6.52
N LYS A 462 21.62 -25.28 -6.53
CA LYS A 462 22.63 -26.05 -7.28
C LYS A 462 21.87 -27.26 -7.82
N TYR A 463 22.27 -27.76 -8.99
CA TYR A 463 21.55 -28.84 -9.63
C TYR A 463 22.44 -29.99 -10.04
N ASN A 464 21.83 -31.18 -10.21
CA ASN A 464 22.56 -32.33 -10.70
C ASN A 464 21.63 -33.17 -11.53
N TYR A 465 22.11 -33.66 -12.67
CA TYR A 465 21.33 -34.56 -13.50
C TYR A 465 22.16 -35.77 -13.92
N ASP A 466 21.65 -36.95 -13.64
CA ASP A 466 22.28 -38.20 -14.06
C ASP A 466 21.44 -38.76 -15.21
N ALA A 467 21.96 -38.61 -16.44
CA ALA A 467 21.33 -39.04 -17.70
C ALA A 467 21.04 -40.53 -17.76
N GLU A 468 21.93 -41.36 -17.21
CA GLU A 468 21.74 -42.82 -17.18
C GLU A 468 20.65 -43.19 -16.18
N LYS A 469 20.68 -42.57 -14.98
CA LYS A 469 19.71 -42.83 -13.91
C LYS A 469 18.35 -42.14 -14.10
N LYS A 470 18.27 -41.14 -15.01
CA LYS A 470 17.05 -40.32 -15.24
C LYS A 470 16.63 -39.67 -13.91
N GLN A 471 17.64 -39.24 -13.13
CA GLN A 471 17.47 -38.72 -11.78
C GLN A 471 17.94 -37.28 -11.73
N TYR A 472 17.07 -36.40 -11.24
CA TYR A 472 17.35 -34.97 -11.15
C TYR A 472 17.31 -34.51 -9.70
N SER A 473 18.31 -33.72 -9.29
CA SER A 473 18.40 -33.17 -7.93
C SER A 473 18.42 -31.66 -7.89
N ILE A 474 17.68 -31.08 -6.93
CA ILE A 474 17.69 -29.65 -6.69
C ILE A 474 18.20 -29.47 -5.26
N HIS A 475 19.40 -28.89 -5.11
CA HIS A 475 19.94 -28.60 -3.77
CA HIS A 475 20.01 -28.60 -3.81
C HIS A 475 19.61 -27.15 -3.49
N VAL A 476 18.96 -26.92 -2.34
CA VAL A 476 18.48 -25.59 -1.96
C VAL A 476 19.11 -25.15 -0.66
N ASN A 477 19.46 -23.87 -0.58
CA ASN A 477 19.98 -23.29 0.65
C ASN A 477 19.23 -22.01 0.94
N GLN A 478 18.96 -21.73 2.23
CA GLN A 478 18.34 -20.48 2.69
C GLN A 478 19.27 -19.77 3.69
N TYR A 479 19.29 -18.44 3.63
CA TYR A 479 20.13 -17.61 4.48
C TYR A 479 19.52 -16.23 4.62
N THR A 480 19.38 -15.76 5.87
CA THR A 480 18.93 -14.41 6.18
C THR A 480 20.10 -13.70 6.84
N LYS A 481 20.49 -12.54 6.32
CA LYS A 481 21.60 -11.78 6.90
C LYS A 481 21.23 -11.30 8.30
N PRO A 482 22.16 -11.41 9.28
CA PRO A 482 21.86 -10.86 10.62
C PRO A 482 21.62 -9.35 10.53
N ASP A 483 20.82 -8.80 11.44
CA ASP A 483 20.52 -7.38 11.43
C ASP A 483 20.41 -6.90 12.87
N GLU A 484 19.88 -5.69 13.11
CA GLU A 484 19.77 -5.14 14.47
C GLU A 484 18.66 -5.81 15.30
N ASN A 485 17.78 -6.63 14.66
CA ASN A 485 16.67 -7.29 15.35
C ASN A 485 16.99 -8.69 15.86
N GLN A 486 17.84 -9.43 15.14
CA GLN A 486 18.31 -10.76 15.52
C GLN A 486 19.77 -10.92 15.10
N LYS A 487 20.63 -11.26 16.08
CA LYS A 487 22.05 -11.55 15.84
C LYS A 487 22.12 -12.92 15.15
N GLU A 488 21.24 -13.85 15.58
CA GLU A 488 21.16 -15.18 14.98
C GLU A 488 19.83 -15.36 14.27
N LYS A 489 19.88 -15.61 12.97
CA LYS A 489 18.66 -15.81 12.17
C LYS A 489 18.44 -17.32 12.07
N LYS A 490 17.18 -17.76 12.10
CA LYS A 490 16.83 -19.19 12.06
C LYS A 490 16.25 -19.57 10.68
N PRO A 491 16.34 -20.85 10.22
CA PRO A 491 15.73 -21.19 8.93
C PRO A 491 14.21 -21.10 8.98
N LEU A 492 13.59 -20.62 7.90
CA LEU A 492 12.13 -20.48 7.84
C LEU A 492 11.47 -21.65 7.11
N PHE A 493 10.13 -21.74 7.22
CA PHE A 493 9.33 -22.70 6.47
C PHE A 493 9.07 -22.00 5.15
N ILE A 494 9.81 -22.41 4.12
CA ILE A 494 9.72 -21.81 2.79
C ILE A 494 9.11 -22.77 1.77
N PRO A 495 7.92 -22.40 1.24
CA PRO A 495 7.28 -23.23 0.20
C PRO A 495 7.80 -22.80 -1.18
N ILE A 496 8.30 -23.76 -1.94
CA ILE A 496 8.90 -23.51 -3.24
C ILE A 496 8.07 -24.20 -4.28
N SER A 497 7.16 -23.44 -4.95
CA SER A 497 6.32 -24.02 -6.00
C SER A 497 7.23 -24.19 -7.20
N VAL A 498 7.28 -25.42 -7.73
CA VAL A 498 8.23 -25.73 -8.81
C VAL A 498 7.61 -26.46 -9.99
N GLY A 499 8.22 -26.24 -11.12
CA GLY A 499 7.94 -26.97 -12.34
C GLY A 499 9.26 -27.40 -12.94
N LEU A 500 9.21 -28.35 -13.85
CA LEU A 500 10.41 -28.81 -14.56
C LEU A 500 10.12 -28.77 -16.02
N ILE A 501 10.79 -27.87 -16.75
CA ILE A 501 10.55 -27.69 -18.17
C ILE A 501 11.50 -28.52 -19.00
N ASN A 502 10.94 -29.28 -19.96
CA ASN A 502 11.76 -30.04 -20.91
C ASN A 502 12.30 -29.01 -21.93
N PRO A 503 13.62 -28.80 -22.02
CA PRO A 503 14.15 -27.78 -22.95
C PRO A 503 13.95 -28.10 -24.43
N GLU A 504 13.73 -29.39 -24.75
CA GLU A 504 13.53 -29.82 -26.13
C GLU A 504 12.18 -29.38 -26.69
N ASN A 505 11.11 -29.41 -25.87
CA ASN A 505 9.76 -29.06 -26.35
C ASN A 505 8.98 -28.05 -25.51
N GLY A 506 9.58 -27.55 -24.43
CA GLY A 506 8.95 -26.58 -23.53
C GLY A 506 7.80 -27.12 -22.70
N LYS A 507 7.60 -28.44 -22.66
CA LYS A 507 6.50 -29.06 -21.91
C LYS A 507 6.84 -29.30 -20.43
N GLU A 508 5.80 -29.42 -19.60
CA GLU A 508 5.89 -29.71 -18.16
C GLU A 508 6.34 -31.18 -18.01
N MET A 509 7.31 -31.43 -17.14
CA MET A 509 7.82 -32.79 -16.94
C MET A 509 7.25 -33.44 -15.69
N ILE A 510 6.78 -32.63 -14.73
CA ILE A 510 6.18 -33.11 -13.46
C ILE A 510 4.87 -32.38 -13.19
N SER A 511 4.01 -32.96 -12.32
CA SER A 511 2.76 -32.34 -11.90
C SER A 511 3.12 -31.26 -10.89
N GLN A 512 2.13 -30.41 -10.53
CA GLN A 512 2.21 -29.34 -9.53
C GLN A 512 2.91 -29.86 -8.29
N THR A 513 4.01 -29.19 -7.89
CA THR A 513 4.83 -29.60 -6.75
C THR A 513 5.26 -28.38 -5.95
N THR A 514 5.08 -28.44 -4.62
CA THR A 514 5.50 -27.39 -3.69
C THR A 514 6.50 -28.03 -2.74
N LEU A 515 7.76 -27.66 -2.90
CA LEU A 515 8.85 -28.16 -2.06
C LEU A 515 8.76 -27.45 -0.74
N GLU A 516 8.73 -28.21 0.36
CA GLU A 516 8.66 -27.61 1.69
C GLU A 516 10.07 -27.54 2.28
N LEU A 517 10.75 -26.39 2.14
CA LEU A 517 12.10 -26.21 2.69
C LEU A 517 11.94 -25.75 4.15
N THR A 518 12.39 -26.59 5.11
CA THR A 518 12.25 -26.28 6.53
C THR A 518 13.59 -26.20 7.25
N LYS A 519 14.67 -26.60 6.59
CA LYS A 519 16.01 -26.59 7.17
C LYS A 519 16.84 -25.51 6.47
N GLU A 520 18.09 -25.30 6.93
CA GLU A 520 19.00 -24.32 6.31
C GLU A 520 19.30 -24.75 4.86
N SER A 521 19.30 -26.07 4.63
CA SER A 521 19.54 -26.61 3.31
C SER A 521 18.86 -27.97 3.16
N ASP A 522 18.51 -28.30 1.93
CA ASP A 522 17.90 -29.59 1.64
C ASP A 522 18.17 -29.99 0.19
N THR A 523 18.08 -31.29 -0.09
CA THR A 523 18.22 -31.75 -1.46
C THR A 523 16.95 -32.46 -1.85
N PHE A 524 16.31 -32.01 -2.95
CA PHE A 524 15.06 -32.57 -3.49
C PHE A 524 15.38 -33.36 -4.75
N VAL A 525 15.13 -34.67 -4.72
CA VAL A 525 15.47 -35.59 -5.82
C VAL A 525 14.21 -36.02 -6.54
N PHE A 526 14.31 -36.15 -7.88
CA PHE A 526 13.20 -36.52 -8.75
C PHE A 526 13.65 -37.64 -9.65
N ASN A 527 12.90 -38.73 -9.65
CA ASN A 527 13.18 -39.90 -10.49
C ASN A 527 12.35 -39.84 -11.77
N ASN A 528 12.74 -40.64 -12.77
CA ASN A 528 12.09 -40.76 -14.07
C ASN A 528 11.96 -39.40 -14.81
N ILE A 529 13.08 -38.66 -14.81
CA ILE A 529 13.26 -37.38 -15.50
C ILE A 529 14.07 -37.76 -16.73
N ALA A 530 13.38 -37.93 -17.87
CA ALA A 530 13.96 -38.46 -19.13
C ALA A 530 15.09 -37.65 -19.75
N VAL A 531 15.11 -36.34 -19.48
CA VAL A 531 16.08 -35.41 -20.06
C VAL A 531 16.44 -34.36 -19.01
N LYS A 532 17.61 -33.70 -19.14
CA LYS A 532 18.00 -32.66 -18.17
C LYS A 532 17.00 -31.49 -18.28
N PRO A 533 16.23 -31.20 -17.21
CA PRO A 533 15.24 -30.12 -17.31
C PRO A 533 15.81 -28.74 -17.04
N ILE A 534 14.98 -27.71 -17.22
CA ILE A 534 15.28 -26.36 -16.78
C ILE A 534 14.28 -26.17 -15.65
N PRO A 535 14.73 -25.95 -14.41
CA PRO A 535 13.76 -25.78 -13.32
C PRO A 535 13.06 -24.41 -13.36
N SER A 536 11.76 -24.44 -13.08
CA SER A 536 10.88 -23.27 -13.01
C SER A 536 10.66 -23.09 -11.50
N LEU A 537 11.43 -22.19 -10.92
CA LEU A 537 11.48 -22.01 -9.47
C LEU A 537 10.67 -20.87 -8.89
N PHE A 538 10.02 -21.13 -7.73
CA PHE A 538 9.16 -20.16 -7.04
C PHE A 538 8.00 -19.65 -7.91
N ARG A 539 7.30 -20.58 -8.59
CA ARG A 539 6.15 -20.21 -9.43
C ARG A 539 5.14 -19.36 -8.65
N GLY A 540 4.67 -18.30 -9.30
CA GLY A 540 3.74 -17.32 -8.74
C GLY A 540 4.36 -16.48 -7.63
N PHE A 541 5.72 -16.57 -7.50
CA PHE A 541 6.55 -15.96 -6.43
C PHE A 541 6.06 -16.49 -5.10
N SER A 542 6.32 -17.79 -4.87
CA SER A 542 5.79 -18.55 -3.75
C SER A 542 6.29 -18.24 -2.36
N ALA A 543 7.35 -17.42 -2.24
CA ALA A 543 7.86 -17.03 -0.94
C ALA A 543 8.52 -15.67 -1.09
N PRO A 544 8.40 -14.76 -0.09
CA PRO A 544 9.01 -13.41 -0.23
C PRO A 544 10.51 -13.45 0.06
N VAL A 545 11.28 -13.84 -0.96
CA VAL A 545 12.72 -14.08 -0.82
C VAL A 545 13.51 -13.53 -2.02
N TYR A 546 14.85 -13.42 -1.85
CA TYR A 546 15.74 -13.12 -2.98
C TYR A 546 15.96 -14.50 -3.61
N ILE A 547 15.62 -14.67 -4.89
CA ILE A 547 15.82 -15.96 -5.56
C ILE A 547 17.16 -15.87 -6.31
N GLU A 548 18.05 -16.83 -6.09
CA GLU A 548 19.34 -16.91 -6.79
C GLU A 548 19.26 -18.24 -7.56
N ASP A 549 18.67 -18.17 -8.78
CA ASP A 549 18.38 -19.33 -9.63
C ASP A 549 19.60 -20.09 -10.16
N GLN A 550 20.79 -19.43 -10.24
CA GLN A 550 22.05 -20.04 -10.73
C GLN A 550 21.87 -20.63 -12.14
N LEU A 551 20.98 -20.03 -12.95
CA LEU A 551 20.73 -20.49 -14.31
C LEU A 551 21.54 -19.65 -15.29
N THR A 552 21.87 -20.23 -16.42
CA THR A 552 22.57 -19.47 -17.46
C THR A 552 21.55 -18.56 -18.14
N ASP A 553 22.03 -17.57 -18.90
CA ASP A 553 21.09 -16.72 -19.62
C ASP A 553 20.37 -17.52 -20.71
N GLU A 554 21.02 -18.56 -21.27
CA GLU A 554 20.38 -19.44 -22.26
C GLU A 554 19.16 -20.16 -21.62
N GLU A 555 19.33 -20.66 -20.38
CA GLU A 555 18.23 -21.32 -19.66
C GLU A 555 17.13 -20.32 -19.33
N ARG A 556 17.51 -19.10 -18.88
CA ARG A 556 16.54 -18.06 -18.55
C ARG A 556 15.75 -17.64 -19.78
N ILE A 557 16.41 -17.58 -20.96
CA ILE A 557 15.71 -17.23 -22.21
C ILE A 557 14.67 -18.30 -22.54
N LEU A 558 15.03 -19.58 -22.35
CA LEU A 558 14.10 -20.66 -22.67
C LEU A 558 12.87 -20.60 -21.74
N LEU A 559 13.06 -20.23 -20.46
CA LEU A 559 11.92 -20.11 -19.54
C LEU A 559 11.07 -18.91 -19.94
N LEU A 560 11.75 -17.81 -20.28
CA LEU A 560 11.05 -16.59 -20.71
C LEU A 560 10.16 -16.89 -21.92
N LYS A 561 10.66 -17.70 -22.86
CA LYS A 561 9.86 -17.99 -24.03
C LYS A 561 8.80 -19.06 -23.82
N TYR A 562 9.14 -20.13 -23.08
CA TYR A 562 8.32 -21.35 -22.99
C TYR A 562 7.68 -21.77 -21.68
N ASP A 563 8.10 -21.19 -20.57
CA ASP A 563 7.53 -21.59 -19.27
C ASP A 563 6.03 -21.21 -19.19
N SER A 564 5.27 -21.94 -18.39
CA SER A 564 3.83 -21.75 -18.19
C SER A 564 3.55 -20.71 -17.10
N ASP A 565 4.50 -20.48 -16.21
CA ASP A 565 4.27 -19.53 -15.10
C ASP A 565 4.69 -18.11 -15.42
N ALA A 566 3.74 -17.13 -15.33
CA ALA A 566 4.02 -15.72 -15.63
C ALA A 566 5.15 -15.16 -14.75
N PHE A 567 5.12 -15.42 -13.43
CA PHE A 567 6.18 -14.93 -12.55
C PHE A 567 7.58 -15.47 -12.98
N VAL A 568 7.73 -16.80 -13.19
CA VAL A 568 9.05 -17.32 -13.56
C VAL A 568 9.56 -16.72 -14.87
N ARG A 569 8.65 -16.48 -15.85
CA ARG A 569 9.05 -15.87 -17.14
C ARG A 569 9.57 -14.44 -16.88
N TYR A 570 8.76 -13.63 -16.17
CA TYR A 570 9.05 -12.25 -15.73
C TYR A 570 10.37 -12.22 -14.92
N ASN A 571 10.52 -13.18 -13.98
CA ASN A 571 11.73 -13.27 -13.15
C ASN A 571 12.97 -13.64 -13.94
N SER A 572 12.82 -14.52 -14.92
CA SER A 572 13.93 -14.95 -15.77
C SER A 572 14.44 -13.74 -16.56
N CYS A 573 13.52 -12.92 -17.11
CA CYS A 573 13.81 -11.67 -17.82
C CYS A 573 14.50 -10.68 -16.84
N THR A 574 13.94 -10.54 -15.62
CA THR A 574 14.51 -9.70 -14.56
C THR A 574 15.99 -10.10 -14.29
N ASN A 575 16.25 -11.42 -14.11
CA ASN A 575 17.60 -11.92 -13.82
C ASN A 575 18.59 -11.64 -14.96
N ILE A 576 18.16 -11.80 -16.22
CA ILE A 576 18.99 -11.49 -17.40
C ILE A 576 19.35 -10.00 -17.35
N TYR A 577 18.35 -9.12 -17.17
CA TYR A 577 18.62 -7.67 -17.03
C TYR A 577 19.59 -7.38 -15.88
N MET A 578 19.36 -7.98 -14.69
CA MET A 578 20.23 -7.76 -13.51
C MET A 578 21.70 -8.12 -13.76
N LYS A 579 21.94 -9.30 -14.37
CA LYS A 579 23.31 -9.72 -14.71
C LYS A 579 23.96 -8.66 -15.66
N GLN A 580 23.20 -8.14 -16.64
CA GLN A 580 23.65 -7.10 -17.59
C GLN A 580 23.94 -5.76 -16.89
N ILE A 581 22.98 -5.30 -16.08
CA ILE A 581 23.10 -4.06 -15.29
C ILE A 581 24.36 -4.10 -14.41
N LEU A 582 24.55 -5.19 -13.64
CA LEU A 582 25.72 -5.27 -12.75
C LEU A 582 27.04 -5.22 -13.51
N MET A 583 27.11 -5.90 -14.68
CA MET A 583 28.29 -5.95 -15.53
CA MET A 583 28.30 -5.95 -15.54
C MET A 583 28.63 -4.56 -16.07
N ASN A 584 27.64 -3.91 -16.75
CA ASN A 584 27.84 -2.57 -17.32
C ASN A 584 28.09 -1.52 -16.25
N TYR A 585 27.39 -1.65 -15.11
CA TYR A 585 27.60 -0.76 -13.97
C TYR A 585 29.07 -0.82 -13.57
N ASN A 586 29.66 -2.05 -13.35
CA ASN A 586 31.07 -2.20 -12.96
CA ASN A 586 31.06 -2.15 -12.94
C ASN A 586 32.02 -1.61 -14.01
N GLU A 587 31.70 -1.82 -15.29
CA GLU A 587 32.49 -1.32 -16.42
C GLU A 587 32.53 0.23 -16.46
N PHE A 588 31.36 0.90 -16.33
CA PHE A 588 31.28 2.37 -16.29
C PHE A 588 31.98 2.92 -15.03
N LEU A 589 31.79 2.24 -13.87
CA LEU A 589 32.36 2.67 -12.58
C LEU A 589 33.90 2.67 -12.62
N LYS A 590 34.49 1.58 -13.15
CA LYS A 590 35.93 1.38 -13.32
C LYS A 590 36.49 2.46 -14.25
N ALA A 591 35.76 2.78 -15.34
CA ALA A 591 36.14 3.83 -16.30
C ALA A 591 36.19 5.19 -15.61
N LYS A 592 35.16 5.51 -14.80
CA LYS A 592 35.05 6.75 -14.02
C LYS A 592 36.16 6.80 -12.96
N ASN A 593 36.33 5.70 -12.20
CA ASN A 593 37.36 5.62 -11.14
C ASN A 593 38.78 5.78 -11.66
N GLU A 594 39.10 5.06 -12.75
CA GLU A 594 40.42 5.07 -13.36
C GLU A 594 40.63 6.26 -14.31
N LYS A 595 39.59 7.10 -14.53
CA LYS A 595 39.64 8.27 -15.42
C LYS A 595 40.11 7.83 -16.82
N LEU A 596 39.49 6.76 -17.34
CA LEU A 596 39.87 6.17 -18.62
C LEU A 596 39.49 7.02 -19.80
N GLU A 597 40.40 7.11 -20.80
CA GLU A 597 40.19 7.86 -22.04
C GLU A 597 39.37 7.02 -23.01
N SER A 598 39.43 5.69 -22.83
CA SER A 598 38.67 4.71 -23.62
C SER A 598 38.51 3.45 -22.80
N PHE A 599 37.49 2.65 -23.12
CA PHE A 599 37.15 1.42 -22.44
C PHE A 599 36.07 0.68 -23.22
N GLN A 600 35.75 -0.54 -22.79
CA GLN A 600 34.71 -1.32 -23.44
C GLN A 600 33.52 -1.62 -22.55
N LEU A 601 32.35 -1.77 -23.19
CA LEU A 601 31.14 -2.17 -22.50
C LEU A 601 30.69 -3.51 -23.06
N THR A 602 30.27 -4.42 -22.19
CA THR A 602 29.76 -5.71 -22.65
C THR A 602 28.39 -5.49 -23.29
N PRO A 603 28.18 -5.87 -24.57
CA PRO A 603 26.85 -5.68 -25.17
C PRO A 603 25.77 -6.57 -24.55
N VAL A 604 24.51 -6.18 -24.79
CA VAL A 604 23.32 -6.94 -24.36
C VAL A 604 23.30 -8.24 -25.15
N ASN A 605 22.97 -9.37 -24.47
CA ASN A 605 22.88 -10.70 -25.07
C ASN A 605 21.94 -10.64 -26.31
N ALA A 606 22.46 -11.02 -27.50
CA ALA A 606 21.70 -10.96 -28.75
C ALA A 606 20.50 -11.91 -28.77
N GLN A 607 20.63 -13.11 -28.17
CA GLN A 607 19.54 -14.10 -28.10
C GLN A 607 18.42 -13.61 -27.16
N PHE A 608 18.79 -12.82 -26.15
CA PHE A 608 17.82 -12.20 -25.24
C PHE A 608 16.99 -11.17 -26.05
N ILE A 609 17.66 -10.30 -26.85
CA ILE A 609 16.94 -9.31 -27.67
C ILE A 609 15.98 -10.04 -28.65
N ASP A 610 16.46 -11.14 -29.25
CA ASP A 610 15.70 -11.99 -30.15
C ASP A 610 14.45 -12.55 -29.49
N ALA A 611 14.58 -12.95 -28.20
CA ALA A 611 13.46 -13.48 -27.42
C ALA A 611 12.45 -12.38 -27.12
N ILE A 612 12.90 -11.14 -26.77
CA ILE A 612 11.99 -10.02 -26.57
C ILE A 612 11.20 -9.79 -27.87
N LYS A 613 11.88 -9.77 -29.04
CA LYS A 613 11.21 -9.56 -30.34
C LYS A 613 10.15 -10.64 -30.60
N TYR A 614 10.51 -11.90 -30.34
CA TYR A 614 9.65 -13.09 -30.50
C TYR A 614 8.35 -12.91 -29.70
N LEU A 615 8.49 -12.54 -28.42
CA LEU A 615 7.34 -12.32 -27.53
C LEU A 615 6.53 -11.14 -27.96
N LEU A 616 7.17 -9.99 -28.29
CA LEU A 616 6.44 -8.81 -28.75
C LEU A 616 5.62 -9.08 -30.01
N GLU A 617 6.20 -9.84 -30.96
CA GLU A 617 5.55 -10.15 -32.23
C GLU A 617 4.45 -11.23 -32.14
N ASP A 618 4.32 -11.87 -30.97
CA ASP A 618 3.33 -12.93 -30.79
C ASP A 618 1.95 -12.28 -30.53
N PRO A 619 0.98 -12.43 -31.46
CA PRO A 619 -0.33 -11.79 -31.26
C PRO A 619 -1.15 -12.45 -30.16
N HIS A 620 -0.80 -13.67 -29.77
CA HIS A 620 -1.50 -14.42 -28.72
C HIS A 620 -0.94 -14.14 -27.33
N ALA A 621 0.18 -13.39 -27.23
CA ALA A 621 0.79 -13.04 -25.94
C ALA A 621 0.13 -11.80 -25.31
N ASP A 622 0.24 -11.66 -23.99
CA ASP A 622 -0.38 -10.61 -23.18
C ASP A 622 0.34 -9.26 -23.28
N ALA A 623 -0.42 -8.17 -23.57
CA ALA A 623 0.11 -6.81 -23.70
C ALA A 623 0.72 -6.28 -22.39
N GLY A 624 0.08 -6.58 -21.26
CA GLY A 624 0.60 -6.16 -19.96
C GLY A 624 1.96 -6.80 -19.67
N PHE A 625 2.07 -8.10 -19.90
CA PHE A 625 3.32 -8.86 -19.73
C PHE A 625 4.40 -8.29 -20.67
N LYS A 626 4.04 -7.97 -21.92
CA LYS A 626 4.96 -7.36 -22.91
C LYS A 626 5.54 -6.05 -22.39
N SER A 627 4.72 -5.23 -21.71
CA SER A 627 5.20 -3.94 -21.14
C SER A 627 6.27 -4.15 -20.05
N TYR A 628 6.20 -5.27 -19.31
CA TYR A 628 7.20 -5.58 -18.28
C TYR A 628 8.54 -6.00 -18.89
N ILE A 629 8.50 -6.82 -19.96
CA ILE A 629 9.70 -7.35 -20.61
C ILE A 629 10.59 -6.27 -21.26
N VAL A 630 9.99 -5.16 -21.76
CA VAL A 630 10.75 -4.07 -22.42
C VAL A 630 11.20 -3.01 -21.40
N SER A 631 10.81 -3.19 -20.12
CA SER A 631 11.21 -2.26 -19.07
C SER A 631 12.29 -2.89 -18.21
N LEU A 632 13.32 -2.11 -17.88
CA LEU A 632 14.36 -2.58 -16.99
C LEU A 632 13.82 -2.65 -15.55
N PRO A 633 14.42 -3.48 -14.67
CA PRO A 633 13.94 -3.52 -13.29
C PRO A 633 13.99 -2.14 -12.63
N GLN A 634 13.10 -1.91 -11.68
CA GLN A 634 13.03 -0.64 -10.92
C GLN A 634 14.37 -0.29 -10.27
N ASP A 635 14.68 1.02 -10.17
CA ASP A 635 15.89 1.47 -9.51
C ASP A 635 15.95 0.97 -8.07
N ARG A 636 14.79 0.95 -7.38
CA ARG A 636 14.72 0.48 -5.97
C ARG A 636 14.88 -1.03 -5.80
N TYR A 637 14.72 -1.81 -6.88
CA TYR A 637 15.00 -3.23 -6.87
C TYR A 637 16.54 -3.38 -7.09
N ILE A 638 17.09 -2.68 -8.10
CA ILE A 638 18.53 -2.70 -8.44
C ILE A 638 19.42 -2.38 -7.25
N ILE A 639 19.09 -1.34 -6.46
CA ILE A 639 19.92 -0.90 -5.33
C ILE A 639 20.21 -2.00 -4.30
N ASN A 640 19.33 -3.00 -4.18
CA ASN A 640 19.57 -4.09 -3.25
C ASN A 640 20.77 -4.95 -3.67
N PHE A 641 21.24 -4.78 -4.91
CA PHE A 641 22.32 -5.62 -5.43
C PHE A 641 23.66 -4.94 -5.60
N VAL A 642 23.73 -3.62 -5.35
CA VAL A 642 24.94 -2.81 -5.57
C VAL A 642 25.32 -2.09 -4.30
N SER A 643 26.59 -2.18 -3.88
CA SER A 643 27.05 -1.43 -2.70
C SER A 643 27.47 -0.03 -3.14
N ASN A 644 27.29 0.99 -2.28
CA ASN A 644 27.73 2.37 -2.58
C ASN A 644 27.30 2.83 -3.97
N LEU A 645 26.02 2.59 -4.31
CA LEU A 645 25.45 2.88 -5.60
C LEU A 645 25.61 4.31 -6.05
N ASP A 646 26.36 4.48 -7.15
CA ASP A 646 26.55 5.79 -7.77
C ASP A 646 25.39 5.95 -8.76
N THR A 647 24.45 6.82 -8.43
CA THR A 647 23.23 7.06 -9.24
C THR A 647 23.52 7.53 -10.68
N ASP A 648 24.60 8.31 -10.91
CA ASP A 648 25.01 8.73 -12.25
C ASP A 648 25.45 7.54 -13.07
N VAL A 649 26.25 6.65 -12.46
CA VAL A 649 26.77 5.45 -13.12
C VAL A 649 25.59 4.52 -13.42
N LEU A 650 24.63 4.41 -12.49
CA LEU A 650 23.43 3.57 -12.77
C LEU A 650 22.61 4.19 -13.93
N ALA A 651 22.42 5.54 -13.92
CA ALA A 651 21.70 6.20 -15.02
C ALA A 651 22.38 5.92 -16.39
N ASP A 652 23.72 5.96 -16.45
CA ASP A 652 24.51 5.67 -17.65
C ASP A 652 24.35 4.20 -18.07
N THR A 653 24.34 3.28 -17.08
CA THR A 653 24.18 1.85 -17.34
C THR A 653 22.79 1.61 -17.98
N LYS A 654 21.73 2.18 -17.39
CA LYS A 654 20.35 1.98 -17.90
C LYS A 654 20.22 2.53 -19.32
N GLU A 655 20.77 3.72 -19.56
CA GLU A 655 20.75 4.39 -20.86
C GLU A 655 21.43 3.51 -21.91
N TYR A 656 22.61 2.93 -21.58
CA TYR A 656 23.32 2.04 -22.50
C TYR A 656 22.48 0.82 -22.88
N ILE A 657 21.90 0.16 -21.88
CA ILE A 657 21.10 -1.06 -22.09
C ILE A 657 19.87 -0.77 -22.92
N TYR A 658 19.11 0.30 -22.59
CA TYR A 658 17.94 0.69 -23.38
C TYR A 658 18.35 1.03 -24.83
N LYS A 659 19.50 1.70 -25.03
CA LYS A 659 19.94 2.07 -26.38
C LYS A 659 20.33 0.83 -27.19
N GLN A 660 21.05 -0.11 -26.55
CA GLN A 660 21.44 -1.40 -27.15
C GLN A 660 20.20 -2.17 -27.67
N ILE A 661 19.14 -2.25 -26.86
CA ILE A 661 17.90 -2.96 -27.22
C ILE A 661 17.11 -2.16 -28.30
N GLY A 662 16.94 -0.85 -28.09
CA GLY A 662 16.26 0.03 -29.04
C GLY A 662 16.91 0.04 -30.41
N ASP A 663 18.26 0.02 -30.48
CA ASP A 663 19.00 -0.03 -31.75
C ASP A 663 18.60 -1.24 -32.60
N LYS A 664 18.15 -2.34 -31.94
CA LYS A 664 17.71 -3.54 -32.65
C LYS A 664 16.17 -3.61 -32.79
N LEU A 665 15.41 -3.11 -31.79
CA LEU A 665 13.94 -3.26 -31.78
C LEU A 665 13.06 -2.05 -32.05
N ASN A 666 13.64 -0.85 -32.25
CA ASN A 666 12.79 0.35 -32.46
C ASN A 666 11.74 0.23 -33.55
N ASP A 667 12.10 -0.36 -34.71
CA ASP A 667 11.15 -0.57 -35.83
C ASP A 667 9.98 -1.49 -35.39
N VAL A 668 10.29 -2.52 -34.58
CA VAL A 668 9.29 -3.44 -34.01
C VAL A 668 8.40 -2.64 -33.04
N TYR A 669 9.00 -1.83 -32.16
CA TYR A 669 8.27 -1.03 -31.19
C TYR A 669 7.33 -0.07 -31.92
N TYR A 670 7.82 0.56 -32.99
CA TYR A 670 7.01 1.49 -33.78
C TYR A 670 5.81 0.81 -34.46
N LYS A 671 6.04 -0.32 -35.12
CA LYS A 671 5.02 -1.14 -35.83
C LYS A 671 3.91 -1.54 -34.85
N MET A 672 4.29 -2.00 -33.65
CA MET A 672 3.37 -2.41 -32.60
C MET A 672 2.59 -1.23 -32.08
N PHE A 673 3.28 -0.07 -31.85
CA PHE A 673 2.61 1.16 -31.38
C PHE A 673 1.45 1.48 -32.33
N LYS A 674 1.73 1.45 -33.64
CA LYS A 674 0.72 1.73 -34.66
C LYS A 674 -0.34 0.63 -34.75
N SER A 675 0.04 -0.66 -34.67
CA SER A 675 -0.95 -1.73 -34.84
C SER A 675 -1.90 -1.92 -33.66
N LEU A 676 -1.45 -1.55 -32.44
CA LEU A 676 -2.22 -1.68 -31.23
C LEU A 676 -3.25 -0.56 -31.11
N GLU A 677 -3.12 0.54 -31.90
CA GLU A 677 -4.01 1.71 -31.81
C GLU A 677 -5.50 1.43 -31.73
N ALA A 678 -6.04 0.72 -32.74
CA ALA A 678 -7.45 0.38 -32.87
C ALA A 678 -8.04 -0.26 -31.61
N LYS A 679 -7.41 -1.33 -31.10
CA LYS A 679 -7.92 -1.99 -29.90
C LYS A 679 -7.66 -1.23 -28.61
N ALA A 680 -6.45 -0.67 -28.46
CA ALA A 680 -6.08 0.06 -27.24
C ALA A 680 -6.95 1.30 -27.01
N ASP A 681 -7.25 2.07 -28.06
CA ASP A 681 -7.98 3.32 -27.89
C ASP A 681 -9.44 3.25 -28.29
N ASP A 682 -9.98 2.02 -28.42
CA ASP A 682 -11.39 1.81 -28.80
C ASP A 682 -12.31 2.65 -27.91
N LEU A 683 -13.20 3.42 -28.55
CA LEU A 683 -14.14 4.31 -27.87
C LEU A 683 -15.56 3.73 -27.72
N THR A 684 -15.79 2.48 -28.18
CA THR A 684 -17.11 1.85 -28.11
C THR A 684 -17.82 2.01 -26.76
N TYR A 685 -17.07 1.80 -25.67
CA TYR A 685 -17.64 1.84 -24.34
C TYR A 685 -17.22 3.04 -23.50
N PHE A 686 -16.72 4.11 -24.14
CA PHE A 686 -16.24 5.32 -23.43
C PHE A 686 -17.33 5.94 -22.53
N ASN A 687 -18.58 5.96 -23.01
CA ASN A 687 -19.73 6.52 -22.30
C ASN A 687 -20.50 5.50 -21.47
N ASP A 688 -19.93 4.29 -21.30
CA ASP A 688 -20.48 3.25 -20.44
C ASP A 688 -19.63 3.30 -19.18
N GLU A 689 -20.19 3.90 -18.14
CA GLU A 689 -19.51 4.14 -16.86
C GLU A 689 -19.09 2.89 -16.13
N SER A 690 -19.79 1.77 -16.37
CA SER A 690 -19.52 0.51 -15.68
C SER A 690 -18.69 -0.51 -16.47
N HIS A 691 -18.45 -0.26 -17.77
CA HIS A 691 -17.70 -1.19 -18.65
C HIS A 691 -16.20 -0.96 -18.48
N VAL A 692 -15.50 -1.87 -17.76
CA VAL A 692 -14.07 -1.70 -17.50
C VAL A 692 -13.30 -2.90 -18.05
N ASP A 693 -12.35 -2.62 -18.92
CA ASP A 693 -11.63 -3.66 -19.64
C ASP A 693 -10.14 -3.59 -19.31
N PHE A 694 -9.69 -4.44 -18.36
CA PHE A 694 -8.33 -4.48 -17.89
C PHE A 694 -7.33 -4.83 -19.00
N ASP A 695 -7.75 -5.69 -19.97
CA ASP A 695 -6.88 -6.04 -21.11
CA ASP A 695 -6.90 -6.06 -21.11
C ASP A 695 -6.65 -4.82 -21.98
N GLN A 696 -7.71 -4.05 -22.27
CA GLN A 696 -7.58 -2.85 -23.10
C GLN A 696 -6.67 -1.82 -22.43
N MET A 697 -6.83 -1.62 -21.09
CA MET A 697 -5.97 -0.72 -20.32
C MET A 697 -4.49 -1.17 -20.38
N ASN A 698 -4.23 -2.49 -20.35
CA ASN A 698 -2.88 -3.04 -20.50
C ASN A 698 -2.34 -2.78 -21.91
N MET A 699 -3.23 -2.81 -22.93
CA MET A 699 -2.82 -2.49 -24.31
C MET A 699 -2.39 -1.02 -24.38
N ARG A 700 -3.09 -0.14 -23.65
CA ARG A 700 -2.70 1.28 -23.56
C ARG A 700 -1.38 1.43 -22.81
N THR A 701 -1.17 0.63 -21.74
CA THR A 701 0.10 0.66 -20.98
C THR A 701 1.24 0.31 -21.95
N LEU A 702 1.05 -0.73 -22.76
CA LEU A 702 2.08 -1.15 -23.71
C LEU A 702 2.37 -0.05 -24.75
N ARG A 703 1.33 0.58 -25.32
CA ARG A 703 1.50 1.67 -26.29
C ARG A 703 2.25 2.85 -25.69
N ASN A 704 1.88 3.22 -24.46
CA ASN A 704 2.50 4.34 -23.75
C ASN A 704 3.94 4.05 -23.34
N THR A 705 4.23 2.77 -23.05
CA THR A 705 5.58 2.30 -22.72
C THR A 705 6.46 2.37 -23.99
N LEU A 706 5.95 1.82 -25.11
CA LEU A 706 6.65 1.86 -26.40
C LEU A 706 6.85 3.30 -26.87
N LEU A 707 5.83 4.18 -26.72
CA LEU A 707 5.98 5.59 -27.11
C LEU A 707 7.11 6.27 -26.33
N SER A 708 7.19 6.00 -25.01
CA SER A 708 8.27 6.53 -24.17
C SER A 708 9.64 6.04 -24.68
N LEU A 709 9.75 4.74 -24.99
CA LEU A 709 11.00 4.17 -25.52
C LEU A 709 11.41 4.83 -26.83
N LEU A 710 10.44 5.02 -27.73
CA LEU A 710 10.67 5.63 -29.04
C LEU A 710 11.02 7.12 -28.94
N SER A 711 10.41 7.84 -27.99
CA SER A 711 10.66 9.28 -27.82
C SER A 711 12.05 9.52 -27.24
N LYS A 712 12.45 8.70 -26.25
CA LYS A 712 13.79 8.78 -25.65
C LYS A 712 14.87 8.45 -26.72
N ALA A 713 14.57 7.52 -27.63
CA ALA A 713 15.47 7.12 -28.72
C ALA A 713 15.52 8.18 -29.86
N GLN A 714 14.60 9.17 -29.86
CA GLN A 714 14.48 10.21 -30.90
C GLN A 714 14.20 9.51 -32.24
N TYR A 715 13.30 8.51 -32.19
CA TYR A 715 12.92 7.72 -33.36
C TYR A 715 12.42 8.66 -34.47
N PRO A 716 12.81 8.44 -35.74
CA PRO A 716 12.42 9.39 -36.81
C PRO A 716 10.94 9.75 -36.84
N ASN A 717 10.66 11.06 -36.82
CA ASN A 717 9.33 11.68 -36.87
C ASN A 717 8.39 11.28 -35.74
N ILE A 718 8.93 10.76 -34.61
CA ILE A 718 8.08 10.36 -33.47
C ILE A 718 7.25 11.54 -32.89
N LEU A 719 7.75 12.79 -33.02
CA LEU A 719 7.04 13.99 -32.53
C LEU A 719 5.62 14.09 -33.13
N ASN A 720 5.45 13.62 -34.38
CA ASN A 720 4.13 13.57 -35.05
C ASN A 720 3.19 12.64 -34.30
N GLU A 721 3.72 11.47 -33.82
CA GLU A 721 2.91 10.52 -33.05
C GLU A 721 2.53 11.11 -31.71
N ILE A 722 3.49 11.81 -31.06
CA ILE A 722 3.29 12.46 -29.76
C ILE A 722 2.16 13.50 -29.81
N ILE A 723 2.21 14.41 -30.80
CA ILE A 723 1.20 15.47 -31.01
C ILE A 723 -0.18 14.84 -31.25
N GLU A 724 -0.25 13.76 -32.06
CA GLU A 724 -1.53 13.08 -32.30
C GLU A 724 -2.07 12.41 -31.04
N HIS A 725 -1.16 11.84 -30.21
CA HIS A 725 -1.49 11.17 -28.94
C HIS A 725 -2.08 12.17 -27.94
N SER A 726 -1.64 13.45 -27.99
CA SER A 726 -2.15 14.50 -27.10
C SER A 726 -3.62 14.82 -27.35
N LYS A 727 -4.16 14.42 -28.52
CA LYS A 727 -5.53 14.66 -28.94
C LYS A 727 -6.49 13.53 -28.50
N SER A 728 -5.93 12.43 -27.99
CA SER A 728 -6.73 11.28 -27.54
C SER A 728 -7.73 11.67 -26.41
N PRO A 729 -8.94 11.07 -26.36
CA PRO A 729 -9.86 11.35 -25.25
C PRO A 729 -9.45 10.71 -23.91
N TYR A 730 -8.48 9.74 -23.89
CA TYR A 730 -8.03 9.07 -22.67
C TYR A 730 -6.93 9.81 -21.92
N PRO A 731 -7.13 10.26 -20.66
CA PRO A 731 -6.03 10.91 -19.91
C PRO A 731 -4.71 10.12 -19.84
N SER A 732 -4.76 8.76 -19.80
CA SER A 732 -3.52 7.99 -19.78
C SER A 732 -2.71 8.32 -21.02
N ASN A 733 -3.39 8.50 -22.18
CA ASN A 733 -2.72 8.87 -23.43
C ASN A 733 -2.27 10.32 -23.44
N TRP A 734 -3.19 11.27 -23.21
CA TRP A 734 -2.77 12.68 -23.29
C TRP A 734 -1.75 13.14 -22.25
N LEU A 735 -1.77 12.54 -21.06
CA LEU A 735 -0.75 12.82 -20.03
C LEU A 735 0.56 12.16 -20.42
N THR A 736 0.51 10.95 -21.06
CA THR A 736 1.72 10.32 -21.59
C THR A 736 2.34 11.26 -22.64
N SER A 737 1.52 11.88 -23.53
CA SER A 737 2.03 12.80 -24.55
C SER A 737 2.85 13.93 -23.92
N LEU A 738 2.37 14.47 -22.78
CA LEU A 738 3.10 15.52 -22.03
C LEU A 738 4.49 14.97 -21.59
N SER A 739 4.49 13.85 -20.86
CA SER A 739 5.74 13.25 -20.35
C SER A 739 6.77 12.91 -21.44
N VAL A 740 6.35 12.24 -22.53
CA VAL A 740 7.27 11.87 -23.62
C VAL A 740 7.72 13.06 -24.46
N SER A 741 6.96 14.15 -24.45
CA SER A 741 7.32 15.36 -25.20
C SER A 741 8.46 16.14 -24.51
N ALA A 742 8.90 15.69 -23.30
CA ALA A 742 10.00 16.30 -22.55
C ALA A 742 11.28 16.39 -23.39
N TYR A 743 11.47 15.40 -24.29
CA TYR A 743 12.64 15.31 -25.17
C TYR A 743 12.54 16.21 -26.42
N PHE A 744 11.45 16.99 -26.53
CA PHE A 744 11.22 17.85 -27.70
C PHE A 744 10.93 19.30 -27.36
N ASP A 745 11.04 20.20 -28.36
CA ASP A 745 10.78 21.65 -28.21
C ASP A 745 9.31 21.95 -27.91
N LYS A 746 8.42 20.96 -28.15
CA LYS A 746 6.97 21.12 -27.93
C LYS A 746 6.49 20.84 -26.49
N TYR A 747 7.41 20.57 -25.55
CA TYR A 747 7.07 20.27 -24.16
C TYR A 747 6.17 21.31 -23.53
N PHE A 748 6.60 22.59 -23.52
CA PHE A 748 5.80 23.66 -22.90
C PHE A 748 4.46 23.88 -23.58
N GLU A 749 4.38 23.63 -24.90
CA GLU A 749 3.12 23.71 -25.66
C GLU A 749 2.15 22.64 -25.12
N LEU A 750 2.63 21.41 -24.92
CA LEU A 750 1.81 20.32 -24.35
C LEU A 750 1.52 20.54 -22.88
N TYR A 751 2.45 21.19 -22.16
CA TYR A 751 2.31 21.54 -20.74
C TYR A 751 1.05 22.40 -20.57
N ASP A 752 0.92 23.45 -21.39
CA ASP A 752 -0.20 24.37 -21.40
C ASP A 752 -1.52 23.69 -21.81
N LYS A 753 -1.48 22.88 -22.89
CA LYS A 753 -2.64 22.16 -23.40
C LYS A 753 -3.22 21.23 -22.34
N THR A 754 -2.35 20.36 -21.76
CA THR A 754 -2.74 19.38 -20.75
C THR A 754 -3.17 20.05 -19.44
N TYR A 755 -2.54 21.19 -19.05
CA TYR A 755 -2.96 21.92 -17.85
C TYR A 755 -4.41 22.37 -18.01
N LYS A 756 -4.74 22.95 -19.19
CA LYS A 756 -6.09 23.40 -19.53
C LYS A 756 -7.11 22.26 -19.46
N LEU A 757 -6.72 21.06 -19.91
CA LEU A 757 -7.59 19.88 -19.88
C LEU A 757 -7.80 19.35 -18.44
N SER A 758 -6.82 19.57 -17.56
CA SER A 758 -6.80 19.07 -16.17
C SER A 758 -7.31 20.00 -15.08
N LYS A 759 -7.14 21.30 -15.26
CA LYS A 759 -7.42 22.31 -14.24
C LYS A 759 -8.82 22.32 -13.59
N ASP A 760 -9.86 21.83 -14.30
CA ASP A 760 -11.23 21.87 -13.77
C ASP A 760 -11.69 20.62 -13.02
N ASP A 761 -10.79 19.65 -12.82
CA ASP A 761 -11.10 18.45 -12.06
C ASP A 761 -9.97 18.30 -11.03
N GLU A 762 -10.32 18.38 -9.73
CA GLU A 762 -9.37 18.30 -8.62
C GLU A 762 -8.38 17.13 -8.77
N LEU A 763 -8.92 15.93 -9.01
CA LEU A 763 -8.11 14.71 -9.12
C LEU A 763 -7.27 14.65 -10.38
N LEU A 764 -7.83 15.10 -11.51
CA LEU A 764 -7.09 15.11 -12.77
C LEU A 764 -5.93 16.12 -12.70
N LEU A 765 -6.15 17.25 -11.99
CA LEU A 765 -5.07 18.23 -11.81
C LEU A 765 -3.94 17.63 -10.99
N GLN A 766 -4.27 16.80 -10.00
CA GLN A 766 -3.27 16.10 -9.21
C GLN A 766 -2.49 15.11 -10.11
N GLU A 767 -3.18 14.46 -11.10
CA GLU A 767 -2.54 13.57 -12.07
C GLU A 767 -1.62 14.36 -13.01
N TRP A 768 -2.04 15.57 -13.41
CA TRP A 768 -1.23 16.46 -14.25
C TRP A 768 0.05 16.86 -13.47
N LEU A 769 -0.11 17.22 -12.18
CA LEU A 769 1.01 17.58 -11.29
C LEU A 769 2.06 16.46 -11.22
N LYS A 770 1.60 15.20 -11.04
CA LYS A 770 2.46 14.01 -11.00
C LYS A 770 3.24 13.85 -12.33
N THR A 771 2.57 14.05 -13.48
CA THR A 771 3.15 13.92 -14.83
C THR A 771 4.27 14.94 -15.01
N VAL A 772 4.02 16.19 -14.56
CA VAL A 772 5.00 17.27 -14.65
C VAL A 772 6.19 16.92 -13.76
N SER A 773 5.91 16.56 -12.49
CA SER A 773 6.92 16.20 -11.48
C SER A 773 7.86 15.09 -11.98
N ARG A 774 7.34 14.10 -12.70
CA ARG A 774 8.17 13.00 -13.20
C ARG A 774 8.75 13.22 -14.62
N SER A 775 8.44 14.37 -15.28
CA SER A 775 8.94 14.72 -16.63
C SER A 775 10.47 14.73 -16.66
N ASP A 776 11.05 14.02 -17.64
CA ASP A 776 12.51 13.95 -17.76
C ASP A 776 13.04 15.22 -18.44
N ARG A 777 13.05 16.29 -17.65
CA ARG A 777 13.44 17.62 -18.07
C ARG A 777 14.75 18.04 -17.41
N LYS A 778 15.64 18.72 -18.18
CA LYS A 778 16.89 19.25 -17.64
C LYS A 778 16.60 20.46 -16.74
N ASP A 779 15.51 21.20 -17.05
CA ASP A 779 15.04 22.38 -16.29
C ASP A 779 13.96 22.00 -15.24
N ILE A 780 13.99 20.74 -14.73
CA ILE A 780 13.03 20.25 -13.75
C ILE A 780 12.95 21.09 -12.46
N TYR A 781 14.10 21.58 -11.96
CA TYR A 781 14.14 22.43 -10.76
C TYR A 781 13.40 23.73 -11.01
N GLU A 782 13.58 24.34 -12.20
CA GLU A 782 12.84 25.56 -12.56
C GLU A 782 11.34 25.26 -12.72
N ILE A 783 11.02 24.09 -13.32
CA ILE A 783 9.62 23.66 -13.48
C ILE A 783 8.95 23.47 -12.10
N LEU A 784 9.61 22.79 -11.14
CA LEU A 784 9.04 22.60 -9.79
C LEU A 784 8.80 23.95 -9.11
N LYS A 785 9.68 24.94 -9.36
CA LYS A 785 9.50 26.28 -8.78
C LYS A 785 8.20 26.92 -9.32
N LYS A 786 7.97 26.79 -10.63
CA LYS A 786 6.79 27.28 -11.36
C LYS A 786 5.52 26.60 -10.79
N LEU A 787 5.57 25.27 -10.55
CA LEU A 787 4.42 24.56 -9.97
C LEU A 787 4.09 25.09 -8.59
N GLU A 788 5.12 25.35 -7.76
CA GLU A 788 4.95 25.87 -6.41
C GLU A 788 4.27 27.24 -6.45
N ASN A 789 4.74 28.13 -7.32
CA ASN A 789 4.23 29.50 -7.44
C ASN A 789 2.87 29.63 -8.11
N GLU A 790 2.61 28.84 -9.16
CA GLU A 790 1.40 28.95 -9.97
C GLU A 790 0.28 27.97 -9.66
N VAL A 791 0.58 26.79 -9.10
CA VAL A 791 -0.42 25.77 -8.86
C VAL A 791 -0.54 25.31 -7.41
N LEU A 792 0.56 24.82 -6.81
CA LEU A 792 0.55 24.30 -5.43
C LEU A 792 0.27 25.37 -4.38
N LYS A 793 1.08 26.45 -4.39
CA LYS A 793 1.00 27.56 -3.44
C LYS A 793 1.11 27.02 -1.99
N ASP A 794 0.25 27.49 -1.05
CA ASP A 794 0.28 27.05 0.34
C ASP A 794 -0.76 25.96 0.65
N SER A 795 -1.12 25.14 -0.36
CA SER A 795 -2.06 24.03 -0.17
C SER A 795 -1.56 23.09 0.93
N LYS A 796 -2.47 22.68 1.82
CA LYS A 796 -2.20 21.71 2.89
C LYS A 796 -2.81 20.35 2.50
N ASN A 797 -3.27 20.22 1.23
CA ASN A 797 -3.91 18.99 0.77
C ASN A 797 -2.80 17.96 0.53
N PRO A 798 -2.81 16.80 1.23
CA PRO A 798 -1.75 15.79 1.03
C PRO A 798 -1.63 15.32 -0.39
N ASN A 799 -2.74 15.18 -1.15
CA ASN A 799 -2.66 14.78 -2.55
C ASN A 799 -1.90 15.80 -3.39
N ASP A 800 -2.01 17.10 -3.06
CA ASP A 800 -1.32 18.16 -3.81
C ASP A 800 0.18 18.12 -3.55
N ILE A 801 0.56 18.05 -2.25
CA ILE A 801 1.97 18.04 -1.87
C ILE A 801 2.65 16.79 -2.41
N ARG A 802 2.06 15.60 -2.17
CA ARG A 802 2.64 14.34 -2.65
C ARG A 802 2.80 14.32 -4.18
N ALA A 803 1.81 14.82 -4.93
CA ALA A 803 1.84 14.85 -6.41
C ALA A 803 3.00 15.70 -6.95
N VAL A 804 3.27 16.85 -6.33
CA VAL A 804 4.32 17.78 -6.80
C VAL A 804 5.72 17.23 -6.57
N TYR A 805 5.93 16.58 -5.41
CA TYR A 805 7.26 16.17 -4.98
C TYR A 805 7.68 14.73 -5.12
N LEU A 806 6.82 13.76 -4.76
CA LEU A 806 7.26 12.37 -4.79
C LEU A 806 7.66 11.83 -6.18
N PRO A 807 6.90 12.06 -7.28
CA PRO A 807 7.35 11.52 -8.59
C PRO A 807 8.74 12.02 -8.99
N PHE A 808 9.03 13.28 -8.70
CA PHE A 808 10.35 13.90 -8.94
C PHE A 808 11.48 13.13 -8.22
N THR A 809 11.23 12.58 -7.01
CA THR A 809 12.26 11.84 -6.26
C THR A 809 12.69 10.54 -6.98
N ASN A 810 11.91 10.12 -7.98
CA ASN A 810 12.26 8.93 -8.78
C ASN A 810 13.15 9.31 -9.95
N ASN A 811 13.42 10.62 -10.15
CA ASN A 811 14.27 11.07 -11.26
C ASN A 811 15.74 10.78 -10.85
N LEU A 812 16.27 9.67 -11.34
CA LEU A 812 17.62 9.22 -10.98
C LEU A 812 18.77 10.25 -11.15
N ARG A 813 18.84 10.92 -12.31
CA ARG A 813 19.87 11.93 -12.57
C ARG A 813 19.67 13.22 -11.81
N ARG A 814 18.41 13.70 -11.74
CA ARG A 814 18.16 15.01 -11.19
C ARG A 814 17.92 15.10 -9.70
N PHE A 815 17.10 14.18 -9.12
CA PHE A 815 16.84 14.22 -7.69
C PHE A 815 18.16 14.00 -6.93
N HIS A 816 19.02 13.09 -7.45
CA HIS A 816 20.31 12.75 -6.88
C HIS A 816 21.47 13.63 -7.40
N ASP A 817 21.14 14.85 -7.85
CA ASP A 817 22.14 15.81 -8.32
C ASP A 817 23.22 15.91 -7.24
N ILE A 818 24.49 15.71 -7.64
CA ILE A 818 25.66 15.72 -6.75
C ILE A 818 25.81 16.95 -5.83
N SER A 819 25.15 18.09 -6.15
CA SER A 819 25.21 19.28 -5.29
C SER A 819 24.39 19.07 -4.01
N GLY A 820 23.49 18.10 -4.05
CA GLY A 820 22.57 17.80 -2.96
C GLY A 820 21.34 18.69 -2.96
N LYS A 821 21.13 19.49 -4.04
CA LYS A 821 20.00 20.43 -4.18
C LYS A 821 18.60 19.76 -4.08
N GLY A 822 18.49 18.54 -4.61
CA GLY A 822 17.26 17.75 -4.56
C GLY A 822 16.96 17.29 -3.15
N TYR A 823 17.99 16.82 -2.41
CA TYR A 823 17.84 16.39 -1.00
C TYR A 823 17.44 17.61 -0.14
N LYS A 824 18.06 18.76 -0.40
CA LYS A 824 17.78 20.02 0.27
C LYS A 824 16.31 20.41 0.06
N LEU A 825 15.86 20.31 -1.20
CA LEU A 825 14.49 20.67 -1.58
C LEU A 825 13.46 19.79 -0.84
N ILE A 826 13.62 18.46 -0.90
CA ILE A 826 12.68 17.56 -0.22
C ILE A 826 12.72 17.76 1.32
N ALA A 827 13.92 17.99 1.92
CA ALA A 827 14.00 18.23 3.38
C ALA A 827 13.25 19.51 3.79
N GLU A 828 13.31 20.56 2.96
CA GLU A 828 12.59 21.82 3.21
C GLU A 828 11.07 21.53 3.20
N VAL A 829 10.60 20.72 2.24
CA VAL A 829 9.19 20.34 2.12
C VAL A 829 8.76 19.47 3.34
N ILE A 830 9.62 18.55 3.77
CA ILE A 830 9.33 17.72 4.94
C ILE A 830 9.14 18.60 6.17
N THR A 831 10.12 19.48 6.44
CA THR A 831 10.06 20.37 7.61
C THR A 831 8.85 21.30 7.58
N LYS A 832 8.51 21.86 6.40
CA LYS A 832 7.34 22.73 6.24
C LYS A 832 6.04 21.94 6.51
N THR A 833 5.93 20.74 5.95
CA THR A 833 4.74 19.88 6.12
C THR A 833 4.58 19.41 7.56
N ASP A 834 5.72 19.12 8.24
CA ASP A 834 5.73 18.64 9.63
C ASP A 834 5.04 19.58 10.60
N LYS A 835 5.01 20.88 10.28
CA LYS A 835 4.35 21.91 11.09
C LYS A 835 2.83 21.65 11.22
N PHE A 836 2.19 21.10 10.16
CA PHE A 836 0.75 20.84 10.19
C PHE A 836 0.33 19.37 10.03
N ASN A 837 1.16 18.54 9.40
CA ASN A 837 0.80 17.16 9.17
C ASN A 837 2.01 16.21 9.30
N PRO A 838 2.32 15.77 10.53
CA PRO A 838 3.47 14.87 10.76
C PRO A 838 3.45 13.55 10.00
N MET A 839 2.26 12.96 9.78
CA MET A 839 2.14 11.70 9.03
C MET A 839 2.57 11.89 7.56
N VAL A 840 2.11 12.98 6.92
CA VAL A 840 2.48 13.29 5.54
C VAL A 840 3.97 13.68 5.44
N ALA A 841 4.49 14.39 6.43
CA ALA A 841 5.92 14.75 6.48
C ALA A 841 6.77 13.46 6.52
N THR A 842 6.32 12.44 7.29
CA THR A 842 7.03 11.15 7.36
C THR A 842 6.96 10.39 6.03
N GLN A 843 5.79 10.46 5.34
CA GLN A 843 5.65 9.84 4.01
C GLN A 843 6.64 10.49 3.03
N LEU A 844 6.83 11.81 3.15
CA LEU A 844 7.73 12.56 2.29
C LEU A 844 9.21 12.24 2.51
N CYS A 845 9.54 11.50 3.62
CA CYS A 845 10.91 11.00 3.93
C CYS A 845 11.30 9.81 3.06
N GLU A 846 10.31 9.20 2.37
CA GLU A 846 10.51 7.99 1.55
C GLU A 846 11.82 7.97 0.73
N PRO A 847 12.22 9.03 -0.02
CA PRO A 847 13.47 8.92 -0.80
C PRO A 847 14.74 8.70 0.04
N PHE A 848 14.72 9.17 1.32
CA PHE A 848 15.87 9.03 2.22
C PHE A 848 16.06 7.60 2.74
N LYS A 849 15.09 6.70 2.53
CA LYS A 849 15.15 5.33 3.05
C LYS A 849 16.38 4.55 2.62
N LEU A 850 16.88 4.82 1.42
CA LEU A 850 18.05 4.15 0.84
C LEU A 850 19.37 4.92 1.06
N TRP A 851 19.36 5.97 1.90
CA TRP A 851 20.53 6.84 2.11
C TRP A 851 21.87 6.13 2.27
N ASN A 852 21.94 5.06 3.09
CA ASN A 852 23.20 4.39 3.37
C ASN A 852 23.62 3.40 2.29
N LYS A 853 22.83 3.30 1.19
CA LYS A 853 23.11 2.40 0.06
C LYS A 853 23.77 3.09 -1.13
N LEU A 854 23.85 4.41 -1.08
CA LEU A 854 24.40 5.21 -2.17
C LEU A 854 25.92 5.40 -2.02
N ASP A 855 26.56 6.07 -3.01
CA ASP A 855 28.00 6.38 -2.98
C ASP A 855 28.28 7.28 -1.79
N THR A 856 29.51 7.23 -1.26
CA THR A 856 29.86 7.99 -0.06
C THR A 856 29.50 9.45 -0.04
N LYS A 857 29.60 10.15 -1.19
CA LYS A 857 29.27 11.58 -1.27
C LYS A 857 27.77 11.82 -1.07
N ARG A 858 26.92 11.03 -1.74
CA ARG A 858 25.47 11.16 -1.61
C ARG A 858 24.98 10.70 -0.24
N GLN A 859 25.62 9.68 0.35
CA GLN A 859 25.32 9.24 1.73
C GLN A 859 25.52 10.44 2.68
N GLU A 860 26.64 11.15 2.51
CA GLU A 860 27.00 12.32 3.34
C GLU A 860 25.98 13.46 3.16
N LEU A 861 25.60 13.77 1.89
CA LEU A 861 24.63 14.83 1.59
C LEU A 861 23.24 14.52 2.17
N MET A 862 22.75 13.27 1.99
CA MET A 862 21.45 12.85 2.55
C MET A 862 21.45 12.90 4.08
N LEU A 863 22.51 12.38 4.71
CA LEU A 863 22.67 12.36 6.18
C LEU A 863 22.66 13.76 6.75
N ASN A 864 23.36 14.71 6.07
CA ASN A 864 23.40 16.11 6.49
CA ASN A 864 23.40 16.11 6.48
C ASN A 864 21.98 16.70 6.52
N GLU A 865 21.17 16.40 5.48
CA GLU A 865 19.80 16.91 5.41
C GLU A 865 18.94 16.32 6.51
N MET A 866 19.11 15.02 6.81
CA MET A 866 18.34 14.37 7.88
C MET A 866 18.76 14.89 9.25
N ASN A 867 20.06 15.19 9.44
CA ASN A 867 20.52 15.78 10.69
C ASN A 867 20.00 17.21 10.84
N THR A 868 19.89 17.95 9.71
CA THR A 868 19.33 19.32 9.73
C THR A 868 17.84 19.26 10.17
N MET A 869 17.09 18.29 9.61
CA MET A 869 15.67 18.08 9.94
C MET A 869 15.50 17.69 11.41
N LEU A 870 16.39 16.82 11.92
CA LEU A 870 16.41 16.40 13.33
C LEU A 870 16.67 17.54 14.30
N GLN A 871 17.42 18.56 13.86
CA GLN A 871 17.78 19.72 14.69
C GLN A 871 16.67 20.77 14.77
N GLU A 872 15.57 20.59 14.00
CA GLU A 872 14.46 21.55 13.99
C GLU A 872 13.77 21.58 15.37
N PRO A 873 13.78 22.75 16.07
CA PRO A 873 13.18 22.78 17.42
C PRO A 873 11.73 22.31 17.51
N GLN A 874 10.94 22.56 16.44
CA GLN A 874 9.53 22.20 16.45
C GLN A 874 9.19 20.86 15.82
N ILE A 875 10.19 19.97 15.63
CA ILE A 875 9.99 18.63 15.02
C ILE A 875 8.93 17.79 15.76
N SER A 876 8.05 17.11 15.00
CA SER A 876 7.04 16.26 15.60
C SER A 876 7.64 14.97 16.17
N ASN A 877 6.93 14.33 17.10
CA ASN A 877 7.33 13.04 17.64
C ASN A 877 7.45 12.00 16.53
N ASN A 878 6.52 12.01 15.54
CA ASN A 878 6.50 11.06 14.41
C ASN A 878 7.74 11.20 13.56
N LEU A 879 8.03 12.43 13.12
CA LEU A 879 9.18 12.66 12.24
C LEU A 879 10.50 12.40 12.97
N LYS A 880 10.58 12.84 14.23
CA LYS A 880 11.77 12.63 15.06
C LYS A 880 12.08 11.14 15.20
N GLU A 881 11.09 10.31 15.57
CA GLU A 881 11.26 8.86 15.77
C GLU A 881 11.72 8.21 14.47
N TYR A 882 11.10 8.62 13.35
CA TYR A 882 11.40 8.06 12.04
C TYR A 882 12.84 8.38 11.63
N LEU A 883 13.26 9.66 11.77
CA LEU A 883 14.61 10.03 11.39
C LEU A 883 15.67 9.48 12.31
N LEU A 884 15.33 9.31 13.61
CA LEU A 884 16.28 8.71 14.57
C LEU A 884 16.54 7.24 14.20
N ARG A 885 15.48 6.50 13.87
CA ARG A 885 15.59 5.09 13.46
C ARG A 885 16.31 4.97 12.11
N LEU A 886 15.97 5.85 11.15
CA LEU A 886 16.60 5.81 9.81
C LEU A 886 18.11 6.14 9.83
N THR A 887 18.54 7.05 10.68
CA THR A 887 19.96 7.47 10.78
C THR A 887 20.75 6.66 11.81
N ASN A 888 20.16 5.56 12.32
CA ASN A 888 20.80 4.67 13.31
C ASN A 888 21.32 5.45 14.53
N LYS A 889 20.46 6.34 15.10
CA LYS A 889 20.80 7.18 16.26
C LYS A 889 20.03 6.77 17.52
ZN ZN B . -6.52 -2.03 5.74
MG MG C . -8.23 21.50 -3.53
MG MG D . -7.68 21.33 20.73
MG MG E . -23.42 -13.94 -6.38
C1 BTJ F . -5.90 0.60 1.09
N1 BTJ F . -3.42 2.37 1.51
O1 BTJ F . -5.00 3.48 2.57
C2 BTJ F . -5.41 1.18 2.37
N2 BTJ F . 3.65 4.69 5.51
O2 BTJ F . -1.55 3.04 3.14
C3 BTJ F . -4.61 2.52 2.17
O3 BTJ F . 0.10 3.63 5.41
C4 BTJ F . -2.53 3.38 0.97
O4 BTJ F . 1.96 5.92 4.38
C5 BTJ F . -1.85 3.99 2.14
N5 BTJ F . -6.25 0.93 3.55
C6 BTJ F . -0.21 2.76 3.23
N6 BTJ F . -6.01 0.64 7.72
C7 BTJ F . 0.22 2.49 4.66
C8 BTJ F . 1.13 4.51 5.97
C9 BTJ F . 2.28 5.10 5.19
O9 BTJ F . -4.49 1.00 4.63
C10 BTJ F . 4.65 5.31 6.49
O10 BTJ F . -2.86 5.62 10.25
C11 BTJ F . 5.68 6.18 5.94
O11 BTJ F . -7.58 0.11 5.71
C25 BTJ F . 5.26 4.75 7.74
C39 BTJ F . -5.72 0.99 4.55
C40 BTJ F . -6.80 1.09 5.51
C41 BTJ F . -6.12 1.48 6.69
C42 BTJ F . -6.60 2.78 7.22
C43 BTJ F . -5.55 3.56 8.06
C44 BTJ F . -5.89 4.51 8.87
C45 BTJ F . -4.85 5.11 9.54
C46 BTJ F . -3.54 4.94 9.49
C47 BTJ F . -3.16 4.04 8.77
C48 BTJ F . -4.12 3.36 8.10
C49 BTJ F . -1.52 5.68 10.57
C50 BTJ F . -0.82 6.36 9.41
C51 BTJ F . 0.57 6.05 9.01
C52 BTJ F . 1.17 6.85 8.06
C53 BTJ F . 0.46 7.90 7.43
C54 BTJ F . -0.85 8.18 7.82
C55 BTJ F . -1.50 7.46 8.72
#